data_9CQ4
#
_entry.id   9CQ4
#
_cell.length_a   1.00
_cell.length_b   1.00
_cell.length_c   1.00
_cell.angle_alpha   90.00
_cell.angle_beta   90.00
_cell.angle_gamma   90.00
#
_symmetry.space_group_name_H-M   'P 1'
#
loop_
_entity.id
_entity.type
_entity.pdbx_description
1 polymer 'OKT3 Fab heavy chain'
2 polymer 'OKT3 Fab light chain'
3 polymer 'G115 TCR delta chain'
4 polymer 'G115 TCR gamma chain'
5 polymer 'T-cell surface glycoprotein CD3 delta chain'
6 polymer 'T-cell surface glycoprotein CD3 epsilon chain'
7 polymer 'T-cell surface glycoprotein CD3 gamma chain'
8 polymer 'T-cell surface glycoprotein CD3 zeta chain'
9 branched beta-D-mannopyranose-(1-4)-2-acetamido-2-deoxy-beta-D-glucopyranose-(1-4)-2-acetamido-2-deoxy-beta-D-glucopyranose
10 branched 2-acetamido-2-deoxy-beta-D-glucopyranose-(1-4)-2-acetamido-2-deoxy-beta-D-glucopyranose
11 non-polymer CHOLESTEROL
12 non-polymer 2-acetamido-2-deoxy-beta-D-glucopyranose
#
loop_
_entity_poly.entity_id
_entity_poly.type
_entity_poly.pdbx_seq_one_letter_code
_entity_poly.pdbx_strand_id
1 'polypeptide(L)'
;QVQLQQSGAELARPGASVKMSCKASGYTFTRYTMHWVKQRPGQGLEWIGYINPSRGYTNYNQKFKDKATLTTDKSSSTAY
MQLSSLTSEDSAVYYCARYYDDHYCLDYWGQGTTLTVSSASTKGPSVFPLAPSSKSTSGGTAALGCLVKDYFPEPVTVSW
NSGALTSGVHTFPAVLQSSGLYSLSSVVTVPSSSLGTQTYICNVNHKPSNTKVDKKVEPKSCDKTHTCPPCPAPELLG
;
C,H
2 'polypeptide(L)'
;QIVLTQSPAIMSASPGEKVTMTCSASSSVSYMNWYQQKSGTSPKRWIYDTSKLASGVPAHFRGSGSGTSYSLTISGMEAE
DAATYYCQQWSSNPFTFGSGTKLEIKRTVAAPSVFIFPPSDEQLKSGTASVVCLLNNFYPREAKVQWKVDNALQSGNSQE
SVTEQDSKDSTYSLSSTLTLSKADYEKHKVYACEVTHQGLSSPVTKSFNRGEC
;
D,L
3 'polypeptide(L)'
;AIELVPEHQTVPVSIGVPATLRCSMKGEAIGNYYINWYRKTQGNTMTFIYREKDIYGPGFKDNFQGDIDIAKNLAVLKIL
APSERDEGSYYCACDTLGMGGEYTDKLIFGKGTRVTVEPRSQPHTKPSVFVMKNGTNVACLVKEFYPKDIRINLVSSKKI
TEFDPAIVISPSGKYNAVKLGKYEDSNSVTCSVQHDNKTVHSTDFEVKTDSTDHVKPKETENTKQPSKSCHKPKAIVHTE
KVNMMSLTVLGLRMLFAKTVAVNFLLTAKLFFLSRGRAKRGSG
;
A
4 'polypeptide(L)'
;AGHLEQPQISSTKTLSKTARLECVVSGITISATSVYWYRERPGEVIQFLVSISYDGTVRKESGIPSGKFEVDRIPETSTS
TLTIHNVEKQDIATYYCALWEAQQELGKKIKVFGPGTKLIITDKQLDADVSPKPTIFLPSIAETKLQKAGTYLCLLEKFF
PDVIKIHWQEKKSNTILGSQEGNTMKTNDTYMKFSWLTVPEKSLDKEHRCIVRHENNKNGVDQEIIFPPIKTDVITMDPK
DNCSKDANDTLLLQLTNTSAYYMYLLLLLKSVVYFAIITCCLLRRTAFCCNGEKS
;
B
5 'polypeptide(L)'
;MEHSTFLSGLVLATLLSQVSPFKIPIEELEDRVFVNCNTSITWVEGTVGTLLSDITRLDLGKRILDPRGIYRCNGTDIYK
DKESTVQVHYRMCQSCVELDPATVAGIIVTDVIATLLLALGVFCFAGHETGRLSGAADTQALLRNDQVYQPLRDRDDAQY
SHLGGNWARNKGSG
;
K
6 'polypeptide(L)'
;MQSGTHWRVLGLCLLSVGVWGQDGNEEMGGITQTPYKVSISGTTVILTCPQYPGSEILWQHNDKNIGGDEDDKNIGSDED
HLSLKEFSELEQSGYYVCYPRGSKPEDANFYLYLRARVCENCMEMDVMSVATIVIVDICITGGLLLLVYYWSKNRKAKAK
PVTRGAGAGGRQRGQNKERPPPVPNPDYEPIRKGQRDLYSGLNQRRIGSG
;
E,F
7 'polypeptide(L)'
;MEQGKGLAVLILAIILLQGTLAQSIKGNHLVKVYDYQEDGSVLLTCDAEAKNITWFKDGKMIGFLTEDKKKWNLGSNAKD
PRGMYQCKGSQNKSKPLQVYYRMCQNCIELNAATISGFLFAEIVSIFVLAVGVYFIAGQDGVRQSRASDKQTLLPNDQLY
QPLKDREDDQYSHLQGNQLRRNGSG
;
G
8 'polypeptide(L)'
;MKWKALFTAAILQAQLPITEAQSFGLLDPKLCYLLDGILFIYGVILTALFLRVKFSRSADAPAYQQGQNQLYNELNLGRR
EEYDVLDKRRGRDPEMGGKPQRRKNPQEGLYNELQKDKMAEAYSEIGMKGERRRGKGHDGLYQGLSTATKDTYDALHMQA
LPPRGSGLEVLFQ
;
Y,Z
#
# COMPACT_ATOMS: atom_id res chain seq x y z
N GLN A 1 16.37 25.22 -39.45
CA GLN A 1 17.39 24.43 -38.77
C GLN A 1 17.96 23.39 -39.72
N VAL A 2 17.23 22.30 -39.88
CA VAL A 2 17.68 21.18 -40.70
C VAL A 2 17.55 21.55 -42.17
N GLN A 3 18.66 21.55 -42.89
CA GLN A 3 18.68 21.73 -44.33
C GLN A 3 19.34 20.52 -44.99
N LEU A 4 18.62 19.91 -45.93
CA LEU A 4 19.09 18.71 -46.62
C LEU A 4 19.41 19.07 -48.06
N GLN A 5 20.61 18.69 -48.50
CA GLN A 5 21.08 18.98 -49.84
C GLN A 5 20.99 17.73 -50.71
N GLN A 6 20.45 17.88 -51.91
CA GLN A 6 20.38 16.76 -52.84
C GLN A 6 21.05 17.14 -54.15
N SER A 7 21.43 16.11 -54.91
CA SER A 7 22.16 16.29 -56.15
C SER A 7 21.22 16.78 -57.24
N GLY A 8 21.75 16.98 -58.44
CA GLY A 8 20.95 17.53 -59.53
C GLY A 8 20.23 16.53 -60.42
N ALA A 9 20.50 16.56 -61.71
CA ALA A 9 19.94 15.64 -62.69
C ALA A 9 20.96 14.55 -63.03
N GLU A 10 20.61 13.29 -62.76
CA GLU A 10 21.51 12.17 -62.97
C GLU A 10 21.03 11.31 -64.13
N LEU A 11 21.96 10.93 -64.99
CA LEU A 11 21.67 10.31 -66.27
C LEU A 11 22.05 8.84 -66.15
N ALA A 12 21.18 7.95 -66.63
CA ALA A 12 21.44 6.52 -66.52
C ALA A 12 20.88 5.82 -67.75
N ARG A 13 20.95 4.50 -67.73
CA ARG A 13 20.47 3.64 -68.81
C ARG A 13 19.55 2.60 -68.22
N PRO A 14 18.65 2.03 -69.02
CA PRO A 14 17.77 0.96 -68.52
C PRO A 14 18.56 -0.26 -68.09
N GLY A 15 18.48 -0.58 -66.80
CA GLY A 15 19.21 -1.68 -66.23
C GLY A 15 20.53 -1.34 -65.57
N ALA A 16 20.93 -0.08 -65.58
CA ALA A 16 22.18 0.32 -64.95
C ALA A 16 21.99 0.46 -63.44
N SER A 17 23.01 1.00 -62.76
CA SER A 17 22.98 1.18 -61.31
C SER A 17 23.21 2.65 -60.99
N VAL A 18 22.28 3.26 -60.24
CA VAL A 18 22.41 4.65 -59.82
C VAL A 18 22.57 4.69 -58.32
N LYS A 19 23.23 5.73 -57.82
CA LYS A 19 23.46 5.90 -56.39
C LYS A 19 23.39 7.40 -56.07
N MET A 20 22.25 7.84 -55.56
CA MET A 20 22.00 9.22 -55.20
C MET A 20 22.23 9.41 -53.71
N SER A 21 22.34 10.67 -53.30
CA SER A 21 22.73 10.98 -51.94
C SER A 21 21.85 12.09 -51.39
N CYS A 22 21.75 12.11 -50.05
CA CYS A 22 21.12 13.16 -49.28
C CYS A 22 22.13 13.64 -48.26
N LYS A 23 22.36 14.95 -48.23
CA LYS A 23 23.44 15.57 -47.48
C LYS A 23 22.79 16.28 -46.30
N ALA A 24 23.06 15.82 -45.08
CA ALA A 24 22.46 16.40 -43.90
C ALA A 24 23.51 17.15 -43.08
N SER A 25 23.09 18.27 -42.51
CA SER A 25 23.97 19.10 -41.72
C SER A 25 23.13 20.06 -40.87
N GLY A 26 23.66 20.39 -39.70
CA GLY A 26 23.03 21.33 -38.80
C GLY A 26 22.34 20.73 -37.61
N TYR A 27 22.49 19.43 -37.38
CA TYR A 27 21.84 18.78 -36.26
C TYR A 27 22.54 17.45 -36.00
N THR A 28 22.10 16.77 -34.94
CA THR A 28 22.62 15.46 -34.54
C THR A 28 22.03 14.43 -35.51
N PHE A 29 22.79 14.13 -36.57
CA PHE A 29 22.29 13.22 -37.60
C PHE A 29 22.10 11.80 -37.07
N THR A 30 22.92 11.38 -36.11
CA THR A 30 22.81 10.02 -35.59
C THR A 30 21.56 9.80 -34.75
N ARG A 31 20.87 10.86 -34.32
CA ARG A 31 19.70 10.70 -33.46
C ARG A 31 18.37 10.62 -34.20
N TYR A 32 18.30 11.07 -35.45
CA TYR A 32 17.07 11.05 -36.22
C TYR A 32 17.24 10.19 -37.46
N THR A 33 16.13 9.59 -37.91
CA THR A 33 16.16 8.70 -39.06
C THR A 33 15.96 9.48 -40.36
N MET A 34 15.98 8.76 -41.47
CA MET A 34 15.81 9.34 -42.80
C MET A 34 14.94 8.45 -43.65
N HIS A 35 13.85 9.03 -44.15
CA HIS A 35 12.89 8.34 -45.00
C HIS A 35 13.06 8.83 -46.43
N TRP A 36 12.69 7.99 -47.38
CA TRP A 36 12.83 8.27 -48.80
C TRP A 36 11.45 8.20 -49.44
N VAL A 37 11.13 9.20 -50.25
CA VAL A 37 9.82 9.31 -50.90
C VAL A 37 10.04 9.40 -52.40
N LYS A 38 9.13 8.79 -53.15
CA LYS A 38 9.16 8.80 -54.61
C LYS A 38 7.90 9.48 -55.13
N GLN A 39 8.06 10.31 -56.16
CA GLN A 39 6.95 11.04 -56.73
C GLN A 39 7.09 10.99 -58.25
N ARG A 40 6.18 10.31 -58.90
CA ARG A 40 6.26 10.33 -60.34
C ARG A 40 5.51 11.53 -60.90
N PRO A 41 5.93 12.06 -62.05
CA PRO A 41 5.20 13.19 -62.64
C PRO A 41 3.79 12.80 -63.03
N GLY A 42 2.81 13.36 -62.33
CA GLY A 42 1.41 13.05 -62.57
C GLY A 42 0.77 12.18 -61.51
N GLN A 43 1.50 11.81 -60.47
CA GLN A 43 0.98 10.99 -59.38
C GLN A 43 1.38 11.61 -58.05
N GLY A 44 0.97 10.97 -56.97
CA GLY A 44 1.25 11.46 -55.64
C GLY A 44 2.59 10.99 -55.11
N LEU A 45 2.66 10.78 -53.81
CA LEU A 45 3.86 10.35 -53.14
C LEU A 45 3.74 8.90 -52.71
N GLU A 46 4.85 8.19 -52.74
CA GLU A 46 4.92 6.81 -52.28
C GLU A 46 6.17 6.62 -51.43
N TRP A 47 5.99 6.06 -50.25
CA TRP A 47 7.10 5.85 -49.33
C TRP A 47 7.94 4.66 -49.79
N ILE A 48 9.25 4.87 -49.88
CA ILE A 48 10.17 3.83 -50.32
C ILE A 48 10.68 3.05 -49.12
N GLY A 49 11.32 3.73 -48.18
CA GLY A 49 11.87 3.06 -47.03
C GLY A 49 12.67 4.03 -46.19
N TYR A 50 13.02 3.58 -45.00
CA TYR A 50 13.78 4.39 -44.06
C TYR A 50 14.92 3.60 -43.44
N ILE A 51 15.85 4.35 -42.85
CA ILE A 51 17.07 3.81 -42.25
C ILE A 51 17.37 4.55 -40.96
N ASN A 52 17.85 3.82 -39.97
CA ASN A 52 18.27 4.41 -38.71
C ASN A 52 19.77 4.67 -38.77
N PRO A 53 20.24 5.91 -38.61
CA PRO A 53 21.68 6.16 -38.67
C PRO A 53 22.47 5.60 -37.50
N SER A 54 21.82 4.98 -36.51
CA SER A 54 22.53 4.47 -35.35
C SER A 54 23.20 3.13 -35.66
N ARG A 55 22.41 2.14 -36.05
CA ARG A 55 22.95 0.81 -36.32
C ARG A 55 22.66 0.33 -37.73
N GLY A 56 21.92 1.09 -38.54
CA GLY A 56 21.65 0.67 -39.89
C GLY A 56 20.39 -0.14 -40.08
N TYR A 57 19.39 0.04 -39.23
CA TYR A 57 18.14 -0.68 -39.39
C TYR A 57 17.39 -0.17 -40.61
N THR A 58 17.13 -1.04 -41.57
CA THR A 58 16.48 -0.68 -42.81
C THR A 58 15.05 -1.19 -42.79
N ASN A 59 14.17 -0.46 -43.48
CA ASN A 59 12.79 -0.88 -43.61
C ASN A 59 12.27 -0.40 -44.94
N TYR A 60 11.62 -1.29 -45.67
CA TYR A 60 11.03 -0.97 -46.97
C TYR A 60 9.66 -1.63 -47.02
N ASN A 61 8.95 -1.41 -48.10
CA ASN A 61 7.67 -2.07 -48.33
C ASN A 61 7.82 -3.11 -49.42
N GLN A 62 6.72 -3.79 -49.73
CA GLN A 62 6.77 -4.87 -50.71
C GLN A 62 6.94 -4.37 -52.14
N LYS A 63 6.57 -3.13 -52.42
CA LYS A 63 6.70 -2.62 -53.78
C LYS A 63 8.13 -2.25 -54.12
N PHE A 64 8.89 -1.72 -53.16
CA PHE A 64 10.27 -1.30 -53.39
C PHE A 64 11.31 -2.30 -52.88
N LYS A 65 10.90 -3.48 -52.43
CA LYS A 65 11.89 -4.46 -52.02
C LYS A 65 12.61 -5.02 -53.23
N ASP A 66 13.85 -5.47 -53.01
CA ASP A 66 14.74 -6.01 -54.04
C ASP A 66 15.06 -4.98 -55.12
N LYS A 67 14.74 -3.71 -54.90
CA LYS A 67 14.98 -2.66 -55.88
C LYS A 67 15.90 -1.57 -55.36
N ALA A 68 15.68 -1.07 -54.15
CA ALA A 68 16.44 0.02 -53.59
C ALA A 68 17.21 -0.42 -52.36
N THR A 69 18.47 -0.01 -52.28
CA THR A 69 19.30 -0.26 -51.10
C THR A 69 19.72 1.06 -50.47
N LEU A 70 19.51 1.18 -49.16
CA LEU A 70 19.78 2.40 -48.41
C LEU A 70 21.02 2.19 -47.54
N THR A 71 21.96 3.13 -47.62
CA THR A 71 23.14 3.13 -46.76
C THR A 71 23.26 4.49 -46.09
N THR A 72 23.99 4.52 -44.98
CA THR A 72 24.21 5.77 -44.25
C THR A 72 25.67 5.88 -43.85
N ASP A 73 26.18 7.11 -43.82
CA ASP A 73 27.58 7.37 -43.51
C ASP A 73 27.66 8.45 -42.43
N LYS A 74 28.51 8.22 -41.44
CA LYS A 74 28.71 9.18 -40.36
C LYS A 74 29.89 10.12 -40.59
N SER A 75 30.85 9.75 -41.44
CA SER A 75 31.96 10.67 -41.72
C SER A 75 31.49 11.95 -42.36
N SER A 76 30.37 11.92 -43.09
CA SER A 76 29.75 13.12 -43.62
C SER A 76 28.32 13.30 -43.12
N SER A 77 27.81 12.36 -42.32
CA SER A 77 26.45 12.41 -41.80
C SER A 77 25.40 12.46 -42.91
N THR A 78 25.57 11.59 -43.91
CA THR A 78 24.73 11.63 -45.10
C THR A 78 24.09 10.27 -45.33
N ALA A 79 23.12 10.25 -46.25
CA ALA A 79 22.43 9.04 -46.64
C ALA A 79 22.60 8.80 -48.14
N TYR A 80 22.55 7.54 -48.55
CA TYR A 80 22.68 7.18 -49.95
C TYR A 80 21.64 6.12 -50.30
N MET A 81 21.10 6.26 -51.51
CA MET A 81 20.10 5.35 -52.06
C MET A 81 20.59 4.83 -53.40
N GLN A 82 20.71 3.52 -53.52
CA GLN A 82 21.17 2.87 -54.74
C GLN A 82 20.02 2.12 -55.38
N LEU A 83 19.81 2.36 -56.66
CA LEU A 83 18.77 1.72 -57.45
C LEU A 83 19.42 0.94 -58.58
N SER A 84 18.72 -0.11 -59.02
CA SER A 84 19.21 -0.95 -60.11
C SER A 84 18.02 -1.58 -60.81
N SER A 85 18.29 -2.19 -61.96
CA SER A 85 17.26 -2.80 -62.80
C SER A 85 16.13 -1.81 -63.06
N LEU A 86 16.48 -0.72 -63.73
CA LEU A 86 15.57 0.38 -63.98
C LEU A 86 14.68 0.09 -65.18
N THR A 87 13.60 0.85 -65.28
CA THR A 87 12.68 0.75 -66.41
C THR A 87 12.09 2.14 -66.64
N SER A 88 11.00 2.21 -67.40
CA SER A 88 10.40 3.49 -67.74
C SER A 88 9.83 4.17 -66.50
N GLU A 89 9.03 3.44 -65.73
CA GLU A 89 8.32 3.97 -64.57
C GLU A 89 9.25 4.34 -63.42
N ASP A 90 10.56 4.10 -63.54
CA ASP A 90 11.49 4.49 -62.49
C ASP A 90 11.83 5.97 -62.56
N SER A 91 11.69 6.60 -63.73
CA SER A 91 12.01 8.02 -63.87
C SER A 91 10.99 8.84 -63.06
N ALA A 92 11.45 9.36 -61.94
CA ALA A 92 10.60 10.13 -61.03
C ALA A 92 11.50 11.04 -60.20
N VAL A 93 10.92 11.70 -59.20
CA VAL A 93 11.67 12.54 -58.27
C VAL A 93 11.76 11.82 -56.94
N TYR A 94 12.94 11.87 -56.33
CA TYR A 94 13.20 11.21 -55.06
C TYR A 94 13.58 12.24 -54.02
N TYR A 95 12.84 12.26 -52.91
CA TYR A 95 13.08 13.17 -51.81
C TYR A 95 13.55 12.38 -50.61
N CYS A 96 14.30 13.04 -49.75
CA CYS A 96 14.75 12.49 -48.49
C CYS A 96 14.21 13.39 -47.39
N ALA A 97 13.82 12.80 -46.28
CA ALA A 97 13.19 13.56 -45.22
C ALA A 97 13.65 13.07 -43.86
N ARG A 98 13.64 13.97 -42.90
CA ARG A 98 13.97 13.67 -41.52
C ARG A 98 12.69 13.45 -40.74
N TYR A 99 12.69 12.48 -39.86
CA TYR A 99 11.52 12.12 -39.07
C TYR A 99 11.68 12.64 -37.65
N TYR A 100 10.64 13.29 -37.12
CA TYR A 100 10.65 13.80 -35.76
C TYR A 100 9.78 12.88 -34.92
N ASP A 101 10.36 12.33 -33.85
CA ASP A 101 9.60 11.39 -33.02
C ASP A 101 8.53 12.09 -32.20
N ASP A 102 8.85 13.26 -31.63
CA ASP A 102 7.88 13.97 -30.82
C ASP A 102 6.73 14.55 -31.64
N HIS A 103 6.92 14.71 -32.94
CA HIS A 103 5.88 15.25 -33.82
C HIS A 103 5.22 14.19 -34.69
N TYR A 104 5.84 13.02 -34.86
CA TYR A 104 5.28 11.93 -35.66
C TYR A 104 5.00 12.39 -37.10
N CYS A 105 6.01 12.96 -37.73
CA CYS A 105 5.89 13.46 -39.09
C CYS A 105 7.28 13.65 -39.68
N LEU A 106 7.32 14.02 -40.97
CA LEU A 106 8.58 14.34 -41.65
C LEU A 106 8.70 15.85 -41.68
N ASP A 107 9.48 16.40 -40.74
CA ASP A 107 9.51 17.86 -40.57
C ASP A 107 10.29 18.56 -41.67
N TYR A 108 11.43 18.02 -42.07
CA TYR A 108 12.27 18.68 -43.06
C TYR A 108 12.57 17.72 -44.21
N TRP A 109 12.63 18.28 -45.41
CA TRP A 109 12.80 17.53 -46.65
C TRP A 109 14.03 18.03 -47.40
N GLY A 110 14.22 17.49 -48.61
CA GLY A 110 15.26 17.93 -49.51
C GLY A 110 14.64 18.38 -50.83
N GLN A 111 15.45 19.06 -51.64
CA GLN A 111 14.93 19.58 -52.90
C GLN A 111 14.64 18.47 -53.91
N GLY A 112 15.25 17.30 -53.75
CA GLY A 112 14.93 16.20 -54.64
C GLY A 112 15.84 16.15 -55.85
N THR A 113 15.97 14.94 -56.40
CA THR A 113 16.76 14.70 -57.60
C THR A 113 15.85 14.17 -58.71
N THR A 114 16.02 14.71 -59.90
CA THR A 114 15.22 14.30 -61.06
C THR A 114 15.96 13.21 -61.82
N LEU A 115 15.39 12.01 -61.85
CA LEU A 115 15.97 10.87 -62.54
C LEU A 115 15.30 10.67 -63.89
N THR A 116 16.10 10.78 -64.95
CA THR A 116 15.62 10.61 -66.32
C THR A 116 16.32 9.40 -66.91
N VAL A 117 15.55 8.39 -67.30
CA VAL A 117 16.08 7.18 -67.91
C VAL A 117 15.43 6.99 -69.27
N SER A 118 16.22 6.55 -70.24
CA SER A 118 15.75 6.34 -71.60
C SER A 118 16.79 5.54 -72.36
N SER A 119 16.39 5.03 -73.51
CA SER A 119 17.30 4.26 -74.36
C SER A 119 18.02 5.16 -75.34
N GLN B 1 -0.67 -1.61 -44.30
CA GLN B 1 -1.19 -1.36 -45.64
C GLN B 1 -2.55 -0.67 -45.58
N ILE B 2 -2.69 0.28 -44.67
CA ILE B 2 -3.93 1.03 -44.51
C ILE B 2 -4.01 2.04 -45.66
N VAL B 3 -4.79 1.72 -46.70
CA VAL B 3 -4.88 2.59 -47.86
C VAL B 3 -5.61 3.86 -47.45
N LEU B 4 -5.00 5.01 -47.73
CA LEU B 4 -5.58 6.30 -47.41
C LEU B 4 -6.22 6.88 -48.67
N THR B 5 -7.55 6.93 -48.69
CA THR B 5 -8.27 7.45 -49.84
C THR B 5 -8.78 8.85 -49.54
N GLN B 6 -8.41 9.82 -50.37
CA GLN B 6 -8.93 11.17 -50.27
C GLN B 6 -10.01 11.35 -51.34
N SER B 7 -11.27 11.42 -50.89
CA SER B 7 -12.38 11.52 -51.85
C SER B 7 -12.36 12.83 -52.62
N PRO B 8 -12.21 14.01 -51.99
CA PRO B 8 -12.31 15.28 -52.75
C PRO B 8 -11.02 15.56 -53.54
N ALA B 9 -10.86 14.84 -54.64
CA ALA B 9 -9.65 14.93 -55.45
C ALA B 9 -9.45 16.32 -56.06
N ILE B 10 -10.47 16.85 -56.72
CA ILE B 10 -10.40 18.13 -57.45
C ILE B 10 -11.33 19.16 -56.84
N MET B 11 -10.76 20.22 -56.25
CA MET B 11 -11.51 21.27 -55.58
C MET B 11 -11.24 22.62 -56.21
N SER B 12 -12.30 23.36 -56.46
CA SER B 12 -12.23 24.70 -57.03
C SER B 12 -13.27 25.54 -56.30
N ALA B 13 -12.83 26.65 -55.71
CA ALA B 13 -13.74 27.51 -54.98
C ALA B 13 -13.19 28.93 -54.95
N SER B 14 -14.05 29.87 -54.54
CA SER B 14 -13.71 31.27 -54.48
C SER B 14 -12.97 31.60 -53.19
N PRO B 15 -12.10 32.62 -53.22
CA PRO B 15 -11.37 33.01 -52.00
C PRO B 15 -12.32 33.62 -50.97
N GLY B 16 -12.20 33.15 -49.72
CA GLY B 16 -13.03 33.62 -48.64
C GLY B 16 -14.07 32.63 -48.14
N GLU B 17 -14.21 31.47 -48.77
CA GLU B 17 -15.19 30.48 -48.35
C GLU B 17 -14.53 29.45 -47.43
N LYS B 18 -15.35 28.60 -46.82
CA LYS B 18 -14.89 27.54 -45.94
C LYS B 18 -14.85 26.23 -46.72
N VAL B 19 -13.63 25.79 -47.06
CA VAL B 19 -13.42 24.54 -47.78
C VAL B 19 -12.77 23.53 -46.84
N THR B 20 -13.25 22.28 -46.89
CA THR B 20 -12.76 21.20 -46.05
C THR B 20 -12.30 20.05 -46.94
N MET B 21 -11.39 19.25 -46.40
CA MET B 21 -10.83 18.11 -47.10
C MET B 21 -10.83 16.88 -46.21
N THR B 22 -11.31 15.76 -46.73
CA THR B 22 -11.42 14.53 -45.96
C THR B 22 -10.43 13.48 -46.44
N CYS B 23 -9.83 12.77 -45.49
CA CYS B 23 -8.94 11.63 -45.74
C CYS B 23 -9.52 10.44 -44.98
N SER B 24 -9.95 9.42 -45.71
CA SER B 24 -10.52 8.23 -45.08
C SER B 24 -9.49 7.12 -45.06
N ALA B 25 -9.41 6.43 -43.93
CA ALA B 25 -8.48 5.33 -43.73
C ALA B 25 -9.22 4.01 -43.68
N SER B 26 -8.57 2.96 -44.17
CA SER B 26 -9.18 1.63 -44.14
C SER B 26 -9.31 1.08 -42.72
N SER B 27 -8.42 1.49 -41.81
CA SER B 27 -8.45 1.05 -40.43
C SER B 27 -8.31 2.27 -39.52
N SER B 28 -8.63 2.07 -38.24
CA SER B 28 -8.56 3.17 -37.27
C SER B 28 -7.10 3.46 -36.95
N VAL B 29 -6.64 4.65 -37.31
CA VAL B 29 -5.29 5.07 -37.05
C VAL B 29 -5.28 6.01 -35.85
N SER B 30 -4.10 6.27 -35.31
CA SER B 30 -3.99 7.09 -34.11
C SER B 30 -3.91 8.58 -34.40
N TYR B 31 -3.37 8.94 -35.57
CA TYR B 31 -3.18 10.34 -35.91
C TYR B 31 -3.17 10.47 -37.43
N MET B 32 -2.91 11.68 -37.91
CA MET B 32 -2.87 11.96 -39.34
C MET B 32 -2.12 13.25 -39.57
N ASN B 33 -1.14 13.22 -40.46
CA ASN B 33 -0.37 14.40 -40.79
C ASN B 33 -0.73 14.86 -42.20
N TRP B 34 -0.62 16.16 -42.43
CA TRP B 34 -0.97 16.79 -43.69
C TRP B 34 0.22 17.56 -44.21
N TYR B 35 0.61 17.27 -45.45
CA TYR B 35 1.71 17.93 -46.13
C TYR B 35 1.19 18.72 -47.31
N GLN B 36 1.80 19.87 -47.56
CA GLN B 36 1.43 20.77 -48.64
C GLN B 36 2.56 20.81 -49.67
N GLN B 37 2.20 20.73 -50.94
CA GLN B 37 3.19 20.78 -52.01
C GLN B 37 2.61 21.54 -53.20
N LYS B 38 3.36 22.52 -53.69
CA LYS B 38 2.94 23.30 -54.83
C LYS B 38 3.52 22.70 -56.11
N SER B 39 3.20 23.33 -57.24
CA SER B 39 3.66 22.82 -58.53
C SER B 39 5.12 23.16 -58.75
N GLY B 40 5.96 22.14 -58.88
CA GLY B 40 7.36 22.35 -59.16
C GLY B 40 8.24 22.58 -57.96
N THR B 41 7.84 22.09 -56.79
CA THR B 41 8.64 22.28 -55.58
C THR B 41 8.49 21.04 -54.70
N SER B 42 9.19 21.04 -53.59
CA SER B 42 9.20 19.95 -52.64
C SER B 42 8.12 20.13 -51.59
N PRO B 43 7.52 19.04 -51.12
CA PRO B 43 6.51 19.15 -50.07
C PRO B 43 7.13 19.63 -48.77
N LYS B 44 6.26 19.97 -47.83
CA LYS B 44 6.71 20.46 -46.54
C LYS B 44 5.68 20.11 -45.48
N ARG B 45 6.14 20.06 -44.25
CA ARG B 45 5.26 19.78 -43.13
C ARG B 45 4.31 20.93 -42.92
N TRP B 46 3.01 20.62 -42.94
CA TRP B 46 1.97 21.63 -42.74
C TRP B 46 1.24 21.44 -41.42
N ILE B 47 0.74 20.22 -41.17
CA ILE B 47 0.03 19.91 -39.94
C ILE B 47 0.50 18.55 -39.45
N TYR B 48 0.86 18.47 -38.18
CA TYR B 48 1.35 17.22 -37.61
C TYR B 48 0.53 16.90 -36.36
N ASP B 49 0.51 15.62 -36.01
CA ASP B 49 -0.21 15.12 -34.84
C ASP B 49 -1.71 15.38 -34.92
N THR B 50 -2.21 15.75 -36.11
CA THR B 50 -3.59 16.02 -36.51
C THR B 50 -4.18 17.28 -35.88
N SER B 51 -3.44 17.96 -35.02
CA SER B 51 -3.96 19.18 -34.39
C SER B 51 -2.98 20.34 -34.35
N LYS B 52 -1.71 20.15 -34.64
CA LYS B 52 -0.71 21.20 -34.52
C LYS B 52 -0.31 21.77 -35.88
N LEU B 53 0.21 22.99 -35.84
CA LEU B 53 0.66 23.72 -37.02
C LEU B 53 2.18 23.83 -37.04
N ALA B 54 2.73 23.96 -38.24
CA ALA B 54 4.18 24.08 -38.42
C ALA B 54 4.61 25.54 -38.23
N SER B 55 5.85 25.84 -38.60
CA SER B 55 6.39 27.19 -38.49
C SER B 55 6.28 27.90 -39.84
N GLY B 56 5.48 28.96 -39.87
CA GLY B 56 5.24 29.74 -41.06
C GLY B 56 3.88 29.55 -41.67
N VAL B 57 3.11 28.58 -41.20
CA VAL B 57 1.76 28.35 -41.72
C VAL B 57 0.80 29.34 -41.07
N PRO B 58 -0.08 29.98 -41.83
CA PRO B 58 -1.04 30.91 -41.21
C PRO B 58 -1.98 30.20 -40.25
N ALA B 59 -2.60 31.00 -39.38
CA ALA B 59 -3.45 30.48 -38.31
C ALA B 59 -4.83 30.01 -38.80
N HIS B 60 -5.25 30.37 -40.01
CA HIS B 60 -6.57 29.98 -40.47
C HIS B 60 -6.66 28.50 -40.84
N PHE B 61 -5.53 27.81 -40.97
CA PHE B 61 -5.52 26.39 -41.28
C PHE B 61 -5.93 25.63 -40.02
N ARG B 62 -6.98 24.80 -40.10
CA ARG B 62 -7.43 24.14 -38.88
C ARG B 62 -8.03 22.79 -39.26
N GLY B 63 -7.28 21.72 -39.02
CA GLY B 63 -7.83 20.40 -39.24
C GLY B 63 -7.80 19.52 -38.00
N SER B 64 -8.68 18.53 -37.98
CA SER B 64 -8.85 17.66 -36.82
C SER B 64 -9.49 16.36 -37.31
N GLY B 65 -10.00 15.57 -36.38
CA GLY B 65 -10.68 14.34 -36.75
C GLY B 65 -10.25 13.19 -35.88
N SER B 66 -10.96 12.07 -35.97
CA SER B 66 -10.62 10.88 -35.23
C SER B 66 -11.27 9.69 -35.92
N GLY B 67 -10.99 8.50 -35.39
CA GLY B 67 -11.55 7.29 -35.96
C GLY B 67 -10.90 6.88 -37.26
N THR B 68 -11.68 6.82 -38.34
CA THR B 68 -11.20 6.39 -39.64
C THR B 68 -11.24 7.48 -40.69
N SER B 69 -11.80 8.64 -40.39
CA SER B 69 -11.89 9.74 -41.35
C SER B 69 -11.46 11.03 -40.67
N TYR B 70 -10.56 11.77 -41.32
CA TYR B 70 -10.03 13.02 -40.77
C TYR B 70 -10.33 14.18 -41.71
N SER B 71 -10.50 15.37 -41.15
CA SER B 71 -10.88 16.55 -41.90
C SER B 71 -9.86 17.67 -41.71
N LEU B 72 -9.75 18.51 -42.74
CA LEU B 72 -8.89 19.69 -42.72
C LEU B 72 -9.69 20.88 -43.26
N THR B 73 -9.99 21.85 -42.40
CA THR B 73 -10.79 23.00 -42.81
C THR B 73 -9.91 24.22 -43.04
N ILE B 74 -10.43 25.14 -43.85
CA ILE B 74 -9.78 26.40 -44.17
C ILE B 74 -10.72 27.52 -43.74
N SER B 75 -10.33 28.26 -42.70
CA SER B 75 -11.13 29.39 -42.22
C SER B 75 -10.79 30.64 -43.05
N GLY B 76 -11.18 30.59 -44.32
CA GLY B 76 -10.89 31.69 -45.22
C GLY B 76 -9.75 31.38 -46.17
N MET B 77 -10.03 31.38 -47.47
CA MET B 77 -9.03 31.09 -48.49
C MET B 77 -8.37 32.37 -48.99
N GLU B 78 -7.07 32.28 -49.30
CA GLU B 78 -6.29 33.38 -49.85
C GLU B 78 -5.66 32.90 -51.16
N ALA B 79 -4.75 33.71 -51.70
CA ALA B 79 -4.05 33.42 -52.94
C ALA B 79 -2.88 32.47 -52.77
N GLU B 80 -2.81 31.74 -51.65
CA GLU B 80 -1.73 30.82 -51.38
C GLU B 80 -2.18 29.37 -51.26
N ASP B 81 -3.42 29.12 -50.85
CA ASP B 81 -3.91 27.76 -50.61
C ASP B 81 -4.00 26.91 -51.88
N ALA B 82 -3.65 27.46 -53.04
CA ALA B 82 -3.67 26.69 -54.27
C ALA B 82 -2.49 25.71 -54.33
N ALA B 83 -2.67 24.52 -53.79
CA ALA B 83 -1.59 23.53 -53.75
C ALA B 83 -2.22 22.15 -53.59
N THR B 84 -1.37 21.14 -53.39
CA THR B 84 -1.80 19.76 -53.22
C THR B 84 -1.52 19.33 -51.79
N TYR B 85 -2.49 18.65 -51.18
CA TYR B 85 -2.40 18.21 -49.79
C TYR B 85 -2.41 16.69 -49.72
N TYR B 86 -1.54 16.15 -48.89
CA TYR B 86 -1.40 14.70 -48.72
C TYR B 86 -1.55 14.34 -47.26
N CYS B 87 -2.34 13.32 -46.97
CA CYS B 87 -2.52 12.79 -45.63
C CYS B 87 -1.65 11.56 -45.46
N GLN B 88 -1.00 11.46 -44.30
CA GLN B 88 -0.02 10.42 -44.04
C GLN B 88 -0.19 9.90 -42.62
N GLN B 89 0.03 8.60 -42.44
CA GLN B 89 -0.02 7.99 -41.12
C GLN B 89 0.98 6.85 -41.03
N TRP B 90 1.62 6.73 -39.88
CA TRP B 90 2.53 5.61 -39.62
C TRP B 90 2.09 4.85 -38.37
N SER B 91 0.80 4.89 -38.07
CA SER B 91 0.29 4.15 -36.91
C SER B 91 0.47 2.66 -37.11
N SER B 92 0.25 2.18 -38.33
CA SER B 92 0.46 0.78 -38.68
C SER B 92 1.94 0.57 -38.99
N ASN B 93 2.30 -0.62 -39.48
CA ASN B 93 3.72 -0.90 -39.71
C ASN B 93 4.30 -0.01 -40.81
N PRO B 94 3.75 0.00 -42.03
CA PRO B 94 4.36 0.82 -43.08
C PRO B 94 3.85 2.26 -43.07
N PHE B 95 4.70 3.14 -43.63
CA PHE B 95 4.36 4.53 -43.83
C PHE B 95 3.46 4.62 -45.04
N THR B 96 2.46 5.49 -44.98
CA THR B 96 1.49 5.57 -46.06
C THR B 96 1.11 7.01 -46.31
N PHE B 97 1.01 7.39 -47.57
CA PHE B 97 0.57 8.72 -47.96
C PHE B 97 -0.85 8.62 -48.52
N GLY B 98 -1.35 9.76 -48.98
CA GLY B 98 -2.68 9.85 -49.52
C GLY B 98 -2.70 9.94 -51.03
N SER B 99 -3.92 9.91 -51.57
CA SER B 99 -4.07 10.01 -53.02
C SER B 99 -3.78 11.42 -53.50
N GLY B 100 -4.06 12.42 -52.67
CA GLY B 100 -3.78 13.79 -53.01
C GLY B 100 -4.98 14.55 -53.53
N THR B 101 -5.17 15.78 -53.04
CA THR B 101 -6.27 16.62 -53.45
C THR B 101 -5.70 17.88 -54.10
N LYS B 102 -6.21 18.21 -55.28
CA LYS B 102 -5.79 19.39 -56.02
C LYS B 102 -6.79 20.51 -55.73
N LEU B 103 -6.35 21.54 -55.02
CA LEU B 103 -7.20 22.66 -54.65
C LEU B 103 -6.77 23.87 -55.46
N GLU B 104 -7.67 24.38 -56.29
CA GLU B 104 -7.45 25.56 -57.11
C GLU B 104 -8.44 26.66 -56.76
N ILE B 105 -8.05 27.88 -57.05
CA ILE B 105 -8.83 29.07 -56.72
C ILE B 105 -9.73 29.42 -57.91
N LYS B 106 -11.02 29.60 -57.64
CA LYS B 106 -11.93 30.00 -58.71
C LYS B 106 -11.91 31.52 -58.87
N ARG B 107 -12.55 31.99 -59.93
CA ARG B 107 -12.62 33.42 -60.22
C ARG B 107 -13.80 33.76 -61.12
N GLN C 1 -37.16 20.70 10.79
CA GLN C 1 -36.62 19.40 10.39
C GLN C 1 -37.18 18.30 11.28
N VAL C 2 -36.61 18.16 12.46
CA VAL C 2 -36.98 17.10 13.40
C VAL C 2 -38.32 17.46 14.04
N GLN C 3 -39.32 16.61 13.84
CA GLN C 3 -40.58 16.73 14.55
C GLN C 3 -40.85 15.44 15.33
N LEU C 4 -41.07 15.57 16.63
CA LEU C 4 -41.28 14.43 17.51
C LEU C 4 -42.73 14.41 17.99
N GLN C 5 -43.38 13.27 17.84
CA GLN C 5 -44.77 13.09 18.22
C GLN C 5 -44.88 12.34 19.54
N GLN C 6 -45.69 12.85 20.45
CA GLN C 6 -45.92 12.18 21.72
C GLN C 6 -47.40 11.92 21.93
N SER C 7 -47.69 10.99 22.83
CA SER C 7 -49.06 10.56 23.08
C SER C 7 -49.79 11.62 23.91
N GLY C 8 -51.06 11.36 24.21
CA GLY C 8 -51.89 12.33 24.91
C GLY C 8 -51.89 12.26 26.42
N ALA C 9 -53.07 12.08 27.01
CA ALA C 9 -53.25 11.93 28.45
C ALA C 9 -53.41 10.46 28.77
N GLU C 10 -52.50 9.92 29.58
CA GLU C 10 -52.49 8.49 29.89
C GLU C 10 -52.90 8.28 31.34
N LEU C 11 -53.77 7.29 31.55
CA LEU C 11 -54.47 7.07 32.81
C LEU C 11 -53.85 5.83 33.45
N ALA C 12 -53.57 5.92 34.75
CA ALA C 12 -52.95 4.81 35.44
C ALA C 12 -53.47 4.77 36.87
N ARG C 13 -52.91 3.86 37.66
CA ARG C 13 -53.27 3.67 39.06
C ARG C 13 -51.99 3.71 39.87
N PRO C 14 -52.09 4.03 41.17
CA PRO C 14 -50.88 4.02 42.01
C PRO C 14 -50.29 2.61 42.11
N GLY C 15 -49.06 2.47 41.63
CA GLY C 15 -48.38 1.20 41.61
C GLY C 15 -48.48 0.42 40.32
N ALA C 16 -49.20 0.92 39.32
CA ALA C 16 -49.33 0.21 38.06
C ALA C 16 -48.10 0.47 37.19
N SER C 17 -48.16 0.05 35.93
CA SER C 17 -47.06 0.21 34.98
C SER C 17 -47.55 0.98 33.76
N VAL C 18 -46.86 2.08 33.44
CA VAL C 18 -47.18 2.89 32.28
C VAL C 18 -46.00 2.81 31.32
N LYS C 19 -46.27 2.98 30.03
CA LYS C 19 -45.23 2.94 29.01
C LYS C 19 -45.57 3.97 27.94
N MET C 20 -44.91 5.12 28.01
CA MET C 20 -45.13 6.19 27.03
C MET C 20 -44.06 6.14 25.95
N SER C 21 -44.33 6.84 24.86
CA SER C 21 -43.49 6.74 23.68
C SER C 21 -43.21 8.12 23.08
N CYS C 22 -42.10 8.20 22.36
CA CYS C 22 -41.72 9.35 21.56
C CYS C 22 -41.46 8.87 20.14
N LYS C 23 -42.12 9.50 19.18
CA LYS C 23 -42.15 9.05 17.80
C LYS C 23 -41.27 10.02 17.01
N ALA C 24 -40.16 9.54 16.49
CA ALA C 24 -39.22 10.37 15.74
C ALA C 24 -39.26 10.02 14.27
N SER C 25 -39.13 11.04 13.43
CA SER C 25 -39.15 10.85 11.98
C SER C 25 -38.59 12.10 11.32
N GLY C 26 -37.95 11.89 10.18
CA GLY C 26 -37.42 12.99 9.39
C GLY C 26 -35.93 13.18 9.45
N TYR C 27 -35.20 12.25 10.06
CA TYR C 27 -33.75 12.36 10.18
C TYR C 27 -33.16 10.99 10.47
N THR C 28 -31.83 10.93 10.53
CA THR C 28 -31.10 9.71 10.85
C THR C 28 -31.23 9.48 12.34
N PHE C 29 -32.25 8.70 12.72
CA PHE C 29 -32.53 8.48 14.14
C PHE C 29 -31.43 7.70 14.83
N THR C 30 -30.75 6.80 14.12
CA THR C 30 -29.70 5.99 14.74
C THR C 30 -28.43 6.79 15.05
N ARG C 31 -28.27 8.00 14.50
CA ARG C 31 -27.06 8.78 14.70
C ARG C 31 -27.13 9.75 15.87
N TYR C 32 -28.32 10.11 16.34
CA TYR C 32 -28.49 11.06 17.44
C TYR C 32 -29.17 10.37 18.60
N THR C 33 -28.88 10.86 19.81
CA THR C 33 -29.44 10.26 21.02
C THR C 33 -30.78 10.89 21.35
N MET C 34 -31.41 10.41 22.42
CA MET C 34 -32.72 10.91 22.83
C MET C 34 -32.74 11.03 24.35
N HIS C 35 -33.01 12.23 24.84
CA HIS C 35 -33.09 12.51 26.26
C HIS C 35 -34.53 12.69 26.68
N TRP C 36 -34.80 12.41 27.95
CA TRP C 36 -36.14 12.50 28.52
C TRP C 36 -36.11 13.46 29.70
N VAL C 37 -37.08 14.37 29.74
CA VAL C 37 -37.18 15.39 30.78
C VAL C 37 -38.54 15.29 31.44
N LYS C 38 -38.57 15.52 32.76
CA LYS C 38 -39.79 15.51 33.55
C LYS C 38 -40.02 16.88 34.15
N GLN C 39 -41.27 17.33 34.13
CA GLN C 39 -41.62 18.65 34.65
C GLN C 39 -42.92 18.53 35.45
N ARG C 40 -42.83 18.74 36.75
CA ARG C 40 -44.06 18.73 37.51
C ARG C 40 -44.71 20.11 37.50
N PRO C 41 -46.04 20.17 37.61
CA PRO C 41 -46.71 21.47 37.63
C PRO C 41 -46.32 22.30 38.85
N GLY C 42 -45.60 23.40 38.60
CA GLY C 42 -45.13 24.26 39.67
C GLY C 42 -43.65 24.16 39.95
N GLN C 43 -42.91 23.36 39.19
CA GLN C 43 -41.47 23.18 39.38
C GLN C 43 -40.78 23.29 38.02
N GLY C 44 -39.47 23.16 38.03
CA GLY C 44 -38.67 23.26 36.83
C GLY C 44 -38.57 21.94 36.09
N LEU C 45 -37.42 21.73 35.46
CA LEU C 45 -37.16 20.54 34.66
C LEU C 45 -36.17 19.63 35.39
N GLU C 46 -36.34 18.32 35.18
CA GLU C 46 -35.44 17.34 35.76
C GLU C 46 -35.10 16.32 34.69
N TRP C 47 -33.80 16.07 34.49
CA TRP C 47 -33.38 15.11 33.50
C TRP C 47 -33.59 13.69 34.02
N ILE C 48 -34.24 12.85 33.22
CA ILE C 48 -34.52 11.49 33.62
C ILE C 48 -33.37 10.60 33.16
N GLY C 49 -33.14 10.58 31.86
CA GLY C 49 -32.11 9.74 31.30
C GLY C 49 -32.14 9.79 29.79
N TYR C 50 -31.10 9.25 29.19
CA TYR C 50 -30.96 9.21 27.75
C TYR C 50 -30.52 7.84 27.29
N ILE C 51 -30.71 7.58 26.00
CA ILE C 51 -30.39 6.29 25.39
C ILE C 51 -29.82 6.54 23.99
N ASN C 52 -28.84 5.72 23.62
CA ASN C 52 -28.24 5.80 22.30
C ASN C 52 -28.93 4.80 21.38
N PRO C 53 -29.54 5.25 20.27
CA PRO C 53 -30.23 4.31 19.38
C PRO C 53 -29.31 3.36 18.62
N SER C 54 -27.99 3.46 18.78
CA SER C 54 -27.08 2.58 18.05
C SER C 54 -27.01 1.21 18.71
N ARG C 55 -26.58 1.17 19.97
CA ARG C 55 -26.45 -0.09 20.68
C ARG C 55 -27.28 -0.15 21.95
N GLY C 56 -27.97 0.93 22.31
CA GLY C 56 -28.80 0.91 23.49
C GLY C 56 -28.14 1.33 24.77
N TYR C 57 -27.11 2.17 24.71
CA TYR C 57 -26.47 2.64 25.93
C TYR C 57 -27.41 3.59 26.67
N THR C 58 -27.78 3.22 27.88
CA THR C 58 -28.72 3.99 28.69
C THR C 58 -27.96 4.68 29.82
N ASN C 59 -28.47 5.83 30.23
CA ASN C 59 -27.90 6.57 31.35
C ASN C 59 -29.01 7.30 32.07
N TYR C 60 -29.03 7.19 33.39
CA TYR C 60 -30.00 7.86 34.23
C TYR C 60 -29.26 8.44 35.43
N ASN C 61 -29.98 9.13 36.30
CA ASN C 61 -29.38 9.63 37.51
C ASN C 61 -29.89 8.83 38.71
N GLN C 62 -29.39 9.19 39.90
CA GLN C 62 -29.73 8.45 41.11
C GLN C 62 -31.15 8.68 41.57
N LYS C 63 -31.77 9.79 41.21
CA LYS C 63 -33.15 10.05 41.65
C LYS C 63 -34.15 9.25 40.84
N PHE C 64 -33.91 9.07 39.55
CA PHE C 64 -34.80 8.34 38.65
C PHE C 64 -34.34 6.91 38.36
N LYS C 65 -33.29 6.45 39.04
CA LYS C 65 -32.87 5.07 38.85
C LYS C 65 -33.88 4.12 39.50
N ASP C 66 -33.93 2.90 38.97
CA ASP C 66 -34.86 1.85 39.40
C ASP C 66 -36.32 2.24 39.22
N LYS C 67 -36.61 3.31 38.50
CA LYS C 67 -37.98 3.77 38.29
C LYS C 67 -38.38 3.77 36.83
N ALA C 68 -37.56 4.33 35.94
CA ALA C 68 -37.88 4.44 34.52
C ALA C 68 -36.87 3.63 33.71
N THR C 69 -37.36 2.88 32.74
CA THR C 69 -36.49 2.13 31.84
C THR C 69 -36.70 2.62 30.41
N LEU C 70 -35.60 2.88 29.72
CA LEU C 70 -35.58 3.46 28.38
C LEU C 70 -35.24 2.39 27.35
N THR C 71 -36.07 2.28 26.31
CA THR C 71 -35.80 1.39 25.19
C THR C 71 -35.90 2.19 23.89
N THR C 72 -35.28 1.66 22.84
CA THR C 72 -35.32 2.30 21.53
C THR C 72 -35.59 1.26 20.45
N ASP C 73 -36.31 1.66 19.41
CA ASP C 73 -36.68 0.77 18.32
C ASP C 73 -36.34 1.43 17.00
N LYS C 74 -35.72 0.67 16.10
CA LYS C 74 -35.38 1.19 14.78
C LYS C 74 -36.42 0.86 13.72
N SER C 75 -37.25 -0.16 13.96
CA SER C 75 -38.32 -0.48 13.01
C SER C 75 -39.30 0.67 12.87
N SER C 76 -39.46 1.48 13.91
CA SER C 76 -40.24 2.70 13.84
C SER C 76 -39.43 3.94 14.15
N SER C 77 -38.14 3.77 14.50
CA SER C 77 -37.25 4.88 14.86
C SER C 77 -37.81 5.69 16.03
N THR C 78 -38.27 4.98 17.07
CA THR C 78 -38.96 5.61 18.18
C THR C 78 -38.29 5.22 19.49
N ALA C 79 -38.67 5.93 20.56
CA ALA C 79 -38.18 5.66 21.90
C ALA C 79 -39.35 5.36 22.82
N TYR C 80 -39.10 4.57 23.85
CA TYR C 80 -40.14 4.24 24.81
C TYR C 80 -39.58 4.32 26.22
N MET C 81 -40.38 4.87 27.14
CA MET C 81 -40.00 4.97 28.54
C MET C 81 -41.11 4.36 29.38
N GLN C 82 -40.78 3.34 30.17
CA GLN C 82 -41.77 2.67 31.01
C GLN C 82 -41.48 2.96 32.48
N LEU C 83 -42.53 3.35 33.21
CA LEU C 83 -42.52 3.68 34.62
C LEU C 83 -43.39 2.68 35.38
N SER C 84 -43.07 2.51 36.66
CA SER C 84 -43.81 1.60 37.52
C SER C 84 -43.69 2.08 38.95
N SER C 85 -44.49 1.49 39.83
CA SER C 85 -44.55 1.87 41.25
C SER C 85 -44.76 3.38 41.38
N LEU C 86 -45.91 3.83 40.89
CA LEU C 86 -46.21 5.25 40.82
C LEU C 86 -46.75 5.74 42.16
N THR C 87 -46.74 7.06 42.32
CA THR C 87 -47.29 7.70 43.51
C THR C 87 -47.82 9.07 43.11
N SER C 88 -48.06 9.93 44.10
CA SER C 88 -48.66 11.24 43.85
C SER C 88 -47.71 12.12 43.04
N GLU C 89 -46.46 12.23 43.48
CA GLU C 89 -45.48 13.12 42.87
C GLU C 89 -45.05 12.68 41.48
N ASP C 90 -45.53 11.54 41.00
CA ASP C 90 -45.20 11.08 39.66
C ASP C 90 -46.03 11.78 38.58
N SER C 91 -47.20 12.31 38.92
CA SER C 91 -48.04 13.00 37.94
C SER C 91 -47.35 14.27 37.47
N ALA C 92 -46.83 14.24 36.24
CA ALA C 92 -46.10 15.37 35.68
C ALA C 92 -46.16 15.28 34.16
N VAL C 93 -45.41 16.15 33.48
CA VAL C 93 -45.32 16.15 32.02
C VAL C 93 -43.95 15.61 31.62
N TYR C 94 -43.92 14.77 30.60
CA TYR C 94 -42.69 14.13 30.13
C TYR C 94 -42.42 14.55 28.70
N TYR C 95 -41.25 15.14 28.47
CA TYR C 95 -40.82 15.55 27.14
C TYR C 95 -39.66 14.69 26.69
N CYS C 96 -39.52 14.56 25.37
CA CYS C 96 -38.41 13.88 24.75
C CYS C 96 -37.70 14.87 23.85
N ALA C 97 -36.38 14.77 23.79
CA ALA C 97 -35.60 15.75 23.05
C ALA C 97 -34.45 15.07 22.33
N ARG C 98 -34.04 15.66 21.22
CA ARG C 98 -32.90 15.19 20.45
C ARG C 98 -31.68 16.02 20.84
N TYR C 99 -30.54 15.36 20.94
CA TYR C 99 -29.30 16.00 21.34
C TYR C 99 -28.43 16.20 20.11
N TYR C 100 -27.89 17.41 19.95
CA TYR C 100 -27.00 17.71 18.84
C TYR C 100 -25.58 17.78 19.40
N ASP C 101 -24.69 16.97 18.83
CA ASP C 101 -23.32 16.92 19.33
C ASP C 101 -22.55 18.18 18.98
N ASP C 102 -22.72 18.67 17.75
CA ASP C 102 -22.00 19.87 17.32
C ASP C 102 -22.51 21.13 18.01
N HIS C 103 -23.73 21.10 18.55
CA HIS C 103 -24.31 22.25 19.24
C HIS C 103 -24.33 22.12 20.75
N TYR C 104 -24.20 20.90 21.29
CA TYR C 104 -24.18 20.68 22.74
C TYR C 104 -25.45 21.20 23.41
N CYS C 105 -26.60 20.78 22.90
CA CYS C 105 -27.88 21.24 23.43
C CYS C 105 -28.97 20.27 22.95
N LEU C 106 -30.18 20.49 23.45
CA LEU C 106 -31.35 19.74 23.00
C LEU C 106 -32.09 20.62 21.99
N ASP C 107 -31.85 20.38 20.71
CA ASP C 107 -32.35 21.27 19.67
C ASP C 107 -33.85 21.14 19.45
N TYR C 108 -34.37 19.91 19.42
CA TYR C 108 -35.79 19.71 19.15
C TYR C 108 -36.42 18.88 20.25
N TRP C 109 -37.66 19.21 20.58
CA TRP C 109 -38.41 18.58 21.66
C TRP C 109 -39.71 17.98 21.16
N GLY C 110 -40.52 17.49 22.09
CA GLY C 110 -41.85 16.99 21.80
C GLY C 110 -42.89 17.75 22.61
N GLN C 111 -44.16 17.57 22.23
CA GLN C 111 -45.21 18.30 22.90
C GLN C 111 -45.44 17.81 24.32
N GLY C 112 -44.99 16.61 24.65
CA GLY C 112 -45.09 16.13 26.01
C GLY C 112 -46.39 15.38 26.27
N THR C 113 -46.34 14.49 27.26
CA THR C 113 -47.50 13.72 27.68
C THR C 113 -47.83 14.06 29.12
N THR C 114 -49.11 14.27 29.40
CA THR C 114 -49.59 14.60 30.73
C THR C 114 -49.97 13.30 31.42
N LEU C 115 -49.26 12.94 32.48
CA LEU C 115 -49.52 11.73 33.23
C LEU C 115 -50.31 12.08 34.49
N THR C 116 -51.52 11.53 34.59
CA THR C 116 -52.40 11.77 35.72
C THR C 116 -52.64 10.45 36.44
N VAL C 117 -52.25 10.39 37.71
CA VAL C 117 -52.44 9.19 38.52
C VAL C 117 -53.25 9.57 39.75
N SER C 118 -54.15 8.67 40.15
CA SER C 118 -55.02 8.90 41.30
C SER C 118 -55.68 7.58 41.67
N SER C 119 -56.28 7.56 42.86
CA SER C 119 -56.97 6.37 43.34
C SER C 119 -58.44 6.40 42.94
N GLN D 1 -22.57 15.48 39.60
CA GLN D 1 -23.64 16.00 40.44
C GLN D 1 -23.44 17.49 40.72
N ILE D 2 -23.24 18.26 39.66
CA ILE D 2 -23.08 19.71 39.78
C ILE D 2 -24.46 20.34 39.87
N VAL D 3 -24.75 20.99 40.99
CA VAL D 3 -26.05 21.62 41.20
C VAL D 3 -26.04 23.01 40.57
N LEU D 4 -26.98 23.25 39.66
CA LEU D 4 -27.09 24.49 38.93
C LEU D 4 -28.28 25.26 39.50
N THR D 5 -28.00 26.13 40.47
CA THR D 5 -29.02 26.96 41.07
C THR D 5 -28.99 28.33 40.40
N GLN D 6 -30.17 28.92 40.22
CA GLN D 6 -30.29 30.26 39.66
C GLN D 6 -30.73 31.20 40.77
N SER D 7 -29.78 31.97 41.29
CA SER D 7 -30.07 32.92 42.36
C SER D 7 -31.14 33.94 41.96
N PRO D 8 -31.07 34.60 40.79
CA PRO D 8 -32.14 35.55 40.45
C PRO D 8 -33.38 34.84 39.90
N ALA D 9 -34.16 34.28 40.83
CA ALA D 9 -35.32 33.46 40.43
C ALA D 9 -36.45 34.33 39.88
N ILE D 10 -36.89 35.30 40.66
CA ILE D 10 -38.02 36.16 40.29
C ILE D 10 -37.52 37.40 39.55
N MET D 11 -38.20 37.72 38.44
CA MET D 11 -37.88 38.84 37.57
C MET D 11 -39.17 39.47 37.08
N SER D 12 -39.29 40.78 37.24
CA SER D 12 -40.43 41.53 36.72
C SER D 12 -39.99 42.97 36.47
N ALA D 13 -40.07 43.41 35.21
CA ALA D 13 -39.67 44.76 34.87
C ALA D 13 -40.40 45.22 33.62
N SER D 14 -40.24 46.50 33.30
CA SER D 14 -40.85 47.14 32.16
C SER D 14 -40.06 46.84 30.89
N PRO D 15 -40.72 46.83 29.73
CA PRO D 15 -40.01 46.57 28.46
C PRO D 15 -39.04 47.68 28.08
N GLY D 16 -37.82 47.27 27.71
CA GLY D 16 -36.75 48.17 27.30
C GLY D 16 -35.57 48.32 28.24
N GLU D 17 -35.54 47.65 29.39
CA GLU D 17 -34.40 47.79 30.29
C GLU D 17 -33.37 46.68 30.04
N LYS D 18 -32.36 46.64 30.91
CA LYS D 18 -31.26 45.69 30.84
C LYS D 18 -31.56 44.56 31.82
N VAL D 19 -31.89 43.39 31.28
CA VAL D 19 -32.17 42.21 32.08
C VAL D 19 -30.93 41.34 32.09
N THR D 20 -30.51 40.92 33.28
CA THR D 20 -29.29 40.14 33.48
C THR D 20 -29.59 39.00 34.44
N MET D 21 -29.63 37.77 33.91
CA MET D 21 -29.90 36.59 34.72
C MET D 21 -28.62 35.80 34.90
N THR D 22 -28.38 35.34 36.13
CA THR D 22 -27.13 34.65 36.43
C THR D 22 -27.44 33.20 36.76
N CYS D 23 -26.49 32.33 36.44
CA CYS D 23 -26.58 30.91 36.77
C CYS D 23 -25.25 30.51 37.39
N SER D 24 -25.29 30.02 38.63
CA SER D 24 -24.10 29.63 39.36
C SER D 24 -23.98 28.12 39.41
N ALA D 25 -22.75 27.63 39.33
CA ALA D 25 -22.46 26.21 39.34
C ALA D 25 -21.57 25.87 40.53
N SER D 26 -21.70 24.63 41.02
CA SER D 26 -20.87 24.18 42.14
C SER D 26 -19.44 23.92 41.69
N SER D 27 -19.24 23.48 40.45
CA SER D 27 -17.93 23.21 39.91
C SER D 27 -17.78 23.94 38.57
N SER D 28 -16.54 24.03 38.11
CA SER D 28 -16.25 24.73 36.86
C SER D 28 -16.73 23.89 35.69
N VAL D 29 -17.70 24.40 34.95
CA VAL D 29 -18.24 23.70 33.78
C VAL D 29 -17.61 24.29 32.52
N SER D 30 -17.69 23.52 31.44
CA SER D 30 -17.06 23.91 30.19
C SER D 30 -17.89 24.92 29.41
N TYR D 31 -19.21 24.84 29.52
CA TYR D 31 -20.10 25.71 28.78
C TYR D 31 -21.43 25.78 29.52
N MET D 32 -22.42 26.42 28.90
CA MET D 32 -23.73 26.55 29.50
C MET D 32 -24.74 26.83 28.41
N ASN D 33 -25.92 26.24 28.51
CA ASN D 33 -26.97 26.48 27.53
C ASN D 33 -28.20 27.04 28.23
N TRP D 34 -29.02 27.75 27.45
CA TRP D 34 -30.21 28.40 27.96
C TRP D 34 -31.40 27.98 27.12
N TYR D 35 -32.43 27.47 27.79
CA TYR D 35 -33.69 27.07 27.17
C TYR D 35 -34.79 28.01 27.64
N GLN D 36 -35.72 28.32 26.73
CA GLN D 36 -36.84 29.19 27.01
C GLN D 36 -38.14 28.38 26.96
N GLN D 37 -39.02 28.60 27.93
CA GLN D 37 -40.28 27.89 27.99
C GLN D 37 -41.36 28.83 28.50
N LYS D 38 -42.46 28.89 27.79
CA LYS D 38 -43.60 29.72 28.17
C LYS D 38 -44.62 28.85 28.90
N SER D 39 -45.71 29.47 29.33
CA SER D 39 -46.73 28.76 30.08
C SER D 39 -47.53 27.85 29.14
N GLY D 40 -47.54 26.56 29.43
CA GLY D 40 -48.31 25.61 28.67
C GLY D 40 -47.70 25.17 27.36
N THR D 41 -46.45 25.51 27.08
CA THR D 41 -45.80 25.11 25.85
C THR D 41 -44.55 24.30 26.16
N SER D 42 -43.93 23.79 25.10
CA SER D 42 -42.73 22.97 25.25
C SER D 42 -41.50 23.87 25.23
N PRO D 43 -40.47 23.54 26.01
CA PRO D 43 -39.22 24.31 25.96
C PRO D 43 -38.57 24.18 24.60
N LYS D 44 -37.64 25.09 24.33
CA LYS D 44 -36.97 25.12 23.04
C LYS D 44 -35.56 25.67 23.23
N ARG D 45 -34.67 25.27 22.34
CA ARG D 45 -33.30 25.75 22.39
C ARG D 45 -33.24 27.24 22.11
N TRP D 46 -32.62 27.98 23.01
CA TRP D 46 -32.48 29.43 22.92
C TRP D 46 -31.02 29.84 22.70
N ILE D 47 -30.12 29.35 23.55
CA ILE D 47 -28.71 29.67 23.45
C ILE D 47 -27.93 28.39 23.71
N TYR D 48 -27.02 28.05 22.81
CA TYR D 48 -26.18 26.87 22.98
C TYR D 48 -24.71 27.26 22.91
N ASP D 49 -23.88 26.45 23.55
CA ASP D 49 -22.44 26.67 23.65
C ASP D 49 -22.10 27.98 24.36
N THR D 50 -23.07 28.59 25.05
CA THR D 50 -23.00 29.78 25.90
C THR D 50 -22.70 31.06 25.14
N SER D 51 -22.50 30.99 23.82
CA SER D 51 -22.23 32.19 23.03
C SER D 51 -22.99 32.24 21.71
N LYS D 52 -23.58 31.14 21.26
CA LYS D 52 -24.26 31.10 19.97
C LYS D 52 -25.76 31.06 20.16
N LEU D 53 -26.47 31.63 19.19
CA LEU D 53 -27.92 31.72 19.21
C LEU D 53 -28.51 30.75 18.19
N ALA D 54 -29.73 30.30 18.46
CA ALA D 54 -30.38 29.34 17.58
C ALA D 54 -31.04 30.06 16.40
N SER D 55 -31.71 29.28 15.55
CA SER D 55 -32.38 29.81 14.37
C SER D 55 -33.77 30.33 14.75
N GLY D 56 -33.96 31.64 14.62
CA GLY D 56 -35.20 32.29 14.96
C GLY D 56 -35.11 33.22 16.15
N VAL D 57 -34.05 33.12 16.94
CA VAL D 57 -33.86 33.99 18.11
C VAL D 57 -33.40 35.36 17.63
N PRO D 58 -34.01 36.45 18.09
CA PRO D 58 -33.56 37.78 17.69
C PRO D 58 -32.13 38.04 18.16
N ALA D 59 -31.49 39.00 17.53
CA ALA D 59 -30.09 39.31 17.78
C ALA D 59 -29.83 40.09 19.06
N HIS D 60 -30.85 40.51 19.80
CA HIS D 60 -30.56 41.33 20.98
C HIS D 60 -30.21 40.50 22.21
N PHE D 61 -30.45 39.19 22.18
CA PHE D 61 -30.04 38.35 23.31
C PHE D 61 -28.53 38.16 23.28
N ARG D 62 -27.94 38.04 24.47
CA ARG D 62 -26.50 37.83 24.55
C ARG D 62 -26.15 37.09 25.82
N GLY D 63 -25.69 35.86 25.69
CA GLY D 63 -25.25 35.06 26.81
C GLY D 63 -23.74 35.03 26.86
N SER D 64 -23.20 34.98 28.07
CA SER D 64 -21.76 34.95 28.27
C SER D 64 -21.50 34.37 29.66
N GLY D 65 -20.25 34.47 30.11
CA GLY D 65 -19.86 33.96 31.41
C GLY D 65 -18.83 32.86 31.29
N SER D 66 -18.23 32.54 32.43
CA SER D 66 -17.19 31.51 32.43
C SER D 66 -17.02 30.98 33.84
N GLY D 67 -15.96 30.19 34.04
CA GLY D 67 -15.65 29.64 35.34
C GLY D 67 -16.80 28.87 35.94
N THR D 68 -17.41 29.43 36.98
CA THR D 68 -18.56 28.83 37.65
C THR D 68 -19.81 29.70 37.54
N SER D 69 -19.75 30.82 36.85
CA SER D 69 -20.86 31.76 36.79
C SER D 69 -21.09 32.19 35.34
N TYR D 70 -22.32 31.99 34.87
CA TYR D 70 -22.71 32.38 33.53
C TYR D 70 -23.90 33.34 33.62
N SER D 71 -24.15 34.07 32.55
CA SER D 71 -25.18 35.09 32.58
C SER D 71 -25.80 35.25 31.19
N LEU D 72 -27.02 35.79 31.19
CA LEU D 72 -27.77 36.09 29.98
C LEU D 72 -28.31 37.51 30.09
N THR D 73 -28.04 38.33 29.08
CA THR D 73 -28.44 39.72 29.04
C THR D 73 -29.39 39.95 27.89
N ILE D 74 -30.47 40.68 28.16
CA ILE D 74 -31.48 41.04 27.19
C ILE D 74 -31.25 42.51 26.85
N SER D 75 -30.57 42.77 25.73
CA SER D 75 -30.27 44.15 25.33
C SER D 75 -31.54 44.77 24.77
N GLY D 76 -32.42 45.18 25.68
CA GLY D 76 -33.70 45.77 25.35
C GLY D 76 -34.83 44.75 25.46
N MET D 77 -35.59 44.82 26.55
CA MET D 77 -36.69 43.90 26.76
C MET D 77 -37.97 44.30 26.01
N GLU D 78 -38.65 43.30 25.46
CA GLU D 78 -39.91 43.47 24.74
C GLU D 78 -41.06 42.85 25.53
N ALA D 79 -42.24 42.88 24.90
CA ALA D 79 -43.46 42.35 25.48
C ALA D 79 -43.62 40.84 25.33
N GLU D 80 -42.72 40.15 24.64
CA GLU D 80 -42.85 38.71 24.45
C GLU D 80 -41.79 37.93 25.20
N ASP D 81 -40.84 38.59 25.83
CA ASP D 81 -39.77 37.94 26.57
C ASP D 81 -40.23 37.40 27.90
N ALA D 82 -41.52 37.44 28.20
CA ALA D 82 -42.04 36.93 29.47
C ALA D 82 -42.14 35.42 29.37
N ALA D 83 -41.13 34.75 29.90
CA ALA D 83 -41.06 33.30 29.89
C ALA D 83 -40.11 32.86 30.99
N THR D 84 -39.89 31.55 31.08
CA THR D 84 -39.01 30.96 32.06
C THR D 84 -37.78 30.40 31.37
N TYR D 85 -36.60 30.76 31.87
CA TYR D 85 -35.34 30.37 31.27
C TYR D 85 -34.60 29.40 32.19
N TYR D 86 -34.03 28.36 31.59
CA TYR D 86 -33.32 27.32 32.32
C TYR D 86 -31.89 27.21 31.80
N CYS D 87 -30.92 27.16 32.72
CA CYS D 87 -29.53 26.96 32.36
C CYS D 87 -29.18 25.49 32.56
N GLN D 88 -28.50 24.92 31.58
CA GLN D 88 -28.20 23.49 31.53
C GLN D 88 -26.74 23.26 31.16
N GLN D 89 -26.12 22.26 31.76
CA GLN D 89 -24.75 21.88 31.44
C GLN D 89 -24.63 20.37 31.45
N TRP D 90 -23.77 19.85 30.57
CA TRP D 90 -23.47 18.43 30.56
C TRP D 90 -21.97 18.16 30.58
N SER D 91 -21.18 19.11 31.08
CA SER D 91 -19.74 18.86 31.19
C SER D 91 -19.44 17.73 32.16
N SER D 92 -20.22 17.62 33.23
CA SER D 92 -20.08 16.53 34.16
C SER D 92 -20.93 15.35 33.68
N ASN D 93 -21.11 14.33 34.53
CA ASN D 93 -21.87 13.16 34.09
C ASN D 93 -23.35 13.48 33.94
N PRO D 94 -24.05 13.98 34.96
CA PRO D 94 -25.49 14.22 34.80
C PRO D 94 -25.77 15.46 33.96
N PHE D 95 -26.89 15.40 33.24
CA PHE D 95 -27.41 16.50 32.42
C PHE D 95 -28.24 17.43 33.31
N THR D 96 -27.55 18.10 34.22
CA THR D 96 -28.22 18.91 35.22
C THR D 96 -28.84 20.16 34.60
N PHE D 97 -30.07 20.45 35.00
CA PHE D 97 -30.78 21.65 34.56
C PHE D 97 -30.66 22.74 35.63
N GLY D 98 -31.25 23.88 35.34
CA GLY D 98 -31.24 25.01 36.24
C GLY D 98 -32.53 25.11 37.02
N SER D 99 -32.48 25.85 38.12
CA SER D 99 -33.68 26.03 38.92
C SER D 99 -34.74 26.81 38.14
N GLY D 100 -34.32 27.64 37.19
CA GLY D 100 -35.26 28.37 36.38
C GLY D 100 -35.69 29.69 36.95
N THR D 101 -35.64 30.74 36.15
CA THR D 101 -36.07 32.06 36.59
C THR D 101 -37.33 32.46 35.82
N LYS D 102 -38.18 33.22 36.49
CA LYS D 102 -39.44 33.69 35.92
C LYS D 102 -39.33 35.17 35.58
N LEU D 103 -39.53 35.50 34.31
CA LEU D 103 -39.47 36.86 33.82
C LEU D 103 -40.86 37.26 33.36
N GLU D 104 -41.36 38.37 33.89
CA GLU D 104 -42.69 38.86 33.56
C GLU D 104 -42.61 40.36 33.25
N ILE D 105 -43.50 40.81 32.36
CA ILE D 105 -43.53 42.22 31.98
C ILE D 105 -44.34 43.01 33.01
N LYS D 106 -44.06 44.31 33.09
CA LYS D 106 -44.77 45.19 34.00
C LYS D 106 -45.65 46.18 33.24
N VAL E 237 10.23 -3.61 7.35
CA VAL E 237 9.93 -4.26 6.08
C VAL E 237 10.99 -5.29 5.74
N HIS E 238 12.25 -4.96 6.05
CA HIS E 238 13.36 -5.84 5.73
C HIS E 238 13.68 -6.78 6.89
N THR E 239 13.85 -6.24 8.09
CA THR E 239 14.21 -7.05 9.25
C THR E 239 13.04 -7.83 9.82
N GLU E 240 11.92 -7.89 9.11
CA GLU E 240 10.75 -8.58 9.64
C GLU E 240 10.81 -10.08 9.35
N LYS E 241 11.19 -10.47 8.14
CA LYS E 241 11.29 -11.88 7.79
C LYS E 241 12.69 -12.44 8.01
N VAL E 242 13.72 -11.59 8.02
CA VAL E 242 15.07 -12.07 8.29
C VAL E 242 15.16 -12.62 9.71
N ASN E 243 14.44 -12.03 10.65
CA ASN E 243 14.44 -12.52 12.02
C ASN E 243 13.79 -13.90 12.10
N MET E 244 12.66 -14.10 11.41
CA MET E 244 12.03 -15.41 11.40
C MET E 244 12.93 -16.45 10.74
N MET E 245 13.64 -16.04 9.68
CA MET E 245 14.55 -16.96 9.03
C MET E 245 15.69 -17.36 9.97
N SER E 246 16.22 -16.40 10.73
CA SER E 246 17.27 -16.73 11.70
C SER E 246 16.74 -17.64 12.79
N LEU E 247 15.50 -17.42 13.23
CA LEU E 247 14.91 -18.29 14.25
C LEU E 247 14.76 -19.71 13.73
N THR E 248 14.24 -19.87 12.51
CA THR E 248 14.09 -21.21 11.96
C THR E 248 15.44 -21.86 11.66
N VAL E 249 16.46 -21.07 11.34
CA VAL E 249 17.79 -21.63 11.14
C VAL E 249 18.35 -22.16 12.46
N LEU E 250 18.18 -21.40 13.54
CA LEU E 250 18.61 -21.90 14.85
C LEU E 250 17.84 -23.14 15.25
N GLY E 251 16.54 -23.17 14.95
CA GLY E 251 15.76 -24.36 15.23
C GLY E 251 16.26 -25.57 14.46
N LEU E 252 16.61 -25.39 13.19
CA LEU E 252 17.14 -26.49 12.40
C LEU E 252 18.51 -26.94 12.91
N ARG E 253 19.32 -26.01 13.41
CA ARG E 253 20.61 -26.40 13.95
C ARG E 253 20.46 -27.22 15.22
N MET E 254 19.57 -26.81 16.13
CA MET E 254 19.31 -27.60 17.33
C MET E 254 18.73 -28.96 16.99
N LEU E 255 17.83 -29.00 16.00
CA LEU E 255 17.25 -30.27 15.58
C LEU E 255 18.33 -31.20 15.01
N PHE E 256 19.27 -30.64 14.25
CA PHE E 256 20.36 -31.43 13.70
C PHE E 256 21.28 -31.95 14.80
N ALA E 257 21.53 -31.14 15.82
CA ALA E 257 22.34 -31.63 16.94
C ALA E 257 21.66 -32.81 17.63
N LYS E 258 20.34 -32.69 17.87
CA LYS E 258 19.62 -33.80 18.49
C LYS E 258 19.65 -35.04 17.62
N THR E 259 19.50 -34.88 16.30
CA THR E 259 19.53 -36.03 15.40
C THR E 259 20.91 -36.68 15.39
N VAL E 260 21.97 -35.88 15.45
CA VAL E 260 23.32 -36.44 15.51
C VAL E 260 23.50 -37.26 16.79
N ALA E 261 22.98 -36.74 17.91
CA ALA E 261 23.05 -37.49 19.16
C ALA E 261 22.28 -38.81 19.07
N VAL E 262 21.10 -38.78 18.46
CA VAL E 262 20.30 -40.00 18.32
C VAL E 262 21.03 -41.04 17.48
N ASN E 263 21.62 -40.61 16.36
CA ASN E 263 22.34 -41.56 15.50
C ASN E 263 23.57 -42.11 16.21
N PHE E 264 24.29 -41.27 16.96
CA PHE E 264 25.44 -41.76 17.71
C PHE E 264 25.02 -42.80 18.74
N LEU E 265 23.94 -42.54 19.48
CA LEU E 265 23.50 -43.50 20.49
C LEU E 265 23.07 -44.82 19.85
N LEU E 266 22.34 -44.74 18.73
CA LEU E 266 21.91 -45.98 18.08
C LEU E 266 23.10 -46.78 17.56
N THR E 267 24.10 -46.11 16.97
CA THR E 267 25.27 -46.83 16.48
C THR E 267 26.09 -47.41 17.63
N ALA E 268 26.20 -46.68 18.73
CA ALA E 268 26.92 -47.20 19.90
C ALA E 268 26.21 -48.41 20.49
N LYS E 269 24.87 -48.41 20.49
CA LYS E 269 24.15 -49.58 20.98
C LYS E 269 24.32 -50.76 20.02
N LEU E 270 24.34 -50.48 18.71
CA LEU E 270 24.50 -51.56 17.75
C LEU E 270 25.88 -52.20 17.84
N PHE E 271 26.91 -51.39 18.12
CA PHE E 271 28.25 -51.97 18.25
C PHE E 271 28.37 -52.79 19.53
N PHE E 272 27.67 -52.41 20.58
CA PHE E 272 27.71 -53.14 21.85
C PHE E 272 26.77 -54.34 21.85
N LEU E 273 26.27 -54.74 20.68
CA LEU E 273 25.36 -55.88 20.56
C LEU E 273 25.95 -56.93 19.63
N ASN F 248 22.29 -2.80 3.15
CA ASN F 248 23.27 -3.66 2.49
C ASN F 248 23.53 -4.91 3.31
N ASP F 249 23.65 -4.74 4.62
CA ASP F 249 23.90 -5.90 5.49
C ASP F 249 22.70 -6.82 5.55
N THR F 250 21.49 -6.28 5.40
CA THR F 250 20.29 -7.10 5.45
C THR F 250 20.25 -8.09 4.28
N LEU F 251 20.70 -7.65 3.10
CA LEU F 251 20.71 -8.54 1.94
C LEU F 251 21.66 -9.71 2.16
N LEU F 252 22.88 -9.42 2.65
CA LEU F 252 23.84 -10.49 2.90
C LEU F 252 23.34 -11.41 4.00
N LEU F 253 22.69 -10.85 5.03
CA LEU F 253 22.14 -11.69 6.09
C LEU F 253 21.07 -12.62 5.55
N GLN F 254 20.17 -12.11 4.71
CA GLN F 254 19.14 -12.96 4.13
C GLN F 254 19.73 -14.04 3.23
N LEU F 255 20.75 -13.68 2.44
CA LEU F 255 21.40 -14.66 1.58
C LEU F 255 22.05 -15.77 2.39
N THR F 256 22.82 -15.39 3.41
CA THR F 256 23.49 -16.40 4.26
C THR F 256 22.48 -17.25 5.01
N ASN F 257 21.39 -16.63 5.48
CA ASN F 257 20.37 -17.39 6.19
C ASN F 257 19.70 -18.41 5.28
N THR F 258 19.39 -18.02 4.03
CA THR F 258 18.77 -18.97 3.12
C THR F 258 19.75 -20.11 2.79
N SER F 259 21.01 -19.78 2.56
CA SER F 259 22.00 -20.83 2.29
C SER F 259 22.13 -21.79 3.46
N ALA F 260 22.19 -21.26 4.69
CA ALA F 260 22.30 -22.12 5.87
C ALA F 260 21.04 -22.96 6.05
N TYR F 261 19.87 -22.39 5.78
CA TYR F 261 18.63 -23.13 5.88
C TYR F 261 18.63 -24.32 4.94
N TYR F 262 18.98 -24.09 3.68
CA TYR F 262 19.00 -25.19 2.71
C TYR F 262 20.05 -26.22 3.07
N MET F 263 21.24 -25.79 3.49
CA MET F 263 22.29 -26.73 3.81
C MET F 263 21.91 -27.60 5.00
N TYR F 264 21.28 -27.01 6.02
CA TYR F 264 20.88 -27.79 7.17
C TYR F 264 19.70 -28.70 6.84
N LEU F 265 18.84 -28.30 5.91
CA LEU F 265 17.80 -29.23 5.46
C LEU F 265 18.42 -30.45 4.79
N LEU F 266 19.42 -30.23 3.94
CA LEU F 266 20.11 -31.37 3.31
C LEU F 266 20.79 -32.26 4.34
N LEU F 267 21.46 -31.65 5.32
CA LEU F 267 22.13 -32.45 6.36
C LEU F 267 21.12 -33.23 7.19
N LEU F 268 19.95 -32.64 7.46
CA LEU F 268 18.93 -33.35 8.20
C LEU F 268 18.37 -34.52 7.40
N LEU F 269 18.19 -34.33 6.09
CA LEU F 269 17.76 -35.45 5.25
C LEU F 269 18.78 -36.58 5.25
N LYS F 270 20.07 -36.23 5.13
CA LYS F 270 21.10 -37.27 5.17
C LYS F 270 21.12 -38.00 6.50
N SER F 271 20.95 -37.25 7.61
CA SER F 271 20.94 -37.89 8.91
C SER F 271 19.72 -38.77 9.10
N VAL F 272 18.58 -38.38 8.53
CA VAL F 272 17.38 -39.22 8.61
C VAL F 272 17.57 -40.50 7.81
N VAL F 273 18.20 -40.41 6.64
CA VAL F 273 18.48 -41.62 5.85
C VAL F 273 19.43 -42.54 6.62
N TYR F 274 20.47 -41.97 7.22
CA TYR F 274 21.40 -42.78 8.01
C TYR F 274 20.71 -43.43 9.20
N PHE F 275 19.82 -42.69 9.87
CA PHE F 275 19.10 -43.25 11.00
C PHE F 275 18.19 -44.38 10.57
N ALA F 276 17.53 -44.23 9.42
CA ALA F 276 16.69 -45.31 8.92
C ALA F 276 17.51 -46.55 8.60
N ILE F 277 18.66 -46.38 7.95
CA ILE F 277 19.51 -47.53 7.65
C ILE F 277 20.00 -48.19 8.94
N ILE F 278 20.39 -47.39 9.93
CA ILE F 278 20.90 -47.94 11.18
C ILE F 278 19.81 -48.69 11.93
N THR F 279 18.61 -48.11 12.02
CA THR F 279 17.54 -48.79 12.73
C THR F 279 17.08 -50.03 12.00
N CYS F 280 17.16 -50.05 10.67
CA CYS F 280 16.85 -51.26 9.92
C CYS F 280 17.87 -52.35 10.21
N CYS F 281 19.16 -51.98 10.17
CA CYS F 281 20.21 -52.96 10.48
C CYS F 281 20.10 -53.45 11.92
N LEU F 282 19.62 -52.61 12.83
CA LEU F 282 19.48 -53.03 14.22
C LEU F 282 18.28 -53.97 14.38
N LEU F 283 17.15 -53.62 13.78
CA LEU F 283 15.96 -54.47 13.87
C LEU F 283 16.12 -55.76 13.09
N ARG F 284 17.08 -55.82 12.16
CA ARG F 284 17.34 -57.07 11.45
C ARG F 284 17.77 -58.17 12.41
N ARG F 285 18.60 -57.82 13.40
CA ARG F 285 19.11 -58.81 14.34
C ARG F 285 18.07 -59.24 15.36
N THR F 286 17.02 -58.44 15.57
CA THR F 286 15.98 -58.78 16.54
C THR F 286 14.91 -59.65 15.89
N PHE G 22 -4.72 22.03 24.13
CA PHE G 22 -4.34 22.05 22.72
C PHE G 22 -3.54 20.80 22.35
N LYS G 23 -3.23 20.65 21.07
CA LYS G 23 -2.46 19.52 20.58
C LYS G 23 -0.99 19.91 20.46
N ILE G 24 -0.16 19.31 21.31
CA ILE G 24 1.28 19.59 21.31
C ILE G 24 1.87 19.09 20.00
N PRO G 25 2.45 19.97 19.18
CA PRO G 25 3.01 19.53 17.89
C PRO G 25 4.28 18.73 18.10
N ILE G 26 4.24 17.46 17.74
CA ILE G 26 5.39 16.55 17.83
C ILE G 26 6.00 16.47 16.44
N GLU G 27 7.08 17.21 16.23
CA GLU G 27 7.73 17.24 14.93
C GLU G 27 8.62 16.02 14.77
N GLU G 28 8.52 15.38 13.61
CA GLU G 28 9.27 14.16 13.31
C GLU G 28 10.28 14.48 12.20
N LEU G 29 11.52 14.72 12.60
CA LEU G 29 12.60 14.93 11.64
C LEU G 29 13.18 13.58 11.24
N GLU G 30 14.34 13.59 10.58
CA GLU G 30 14.90 12.36 10.05
C GLU G 30 15.32 11.42 11.18
N ASP G 31 14.77 10.21 11.16
CA ASP G 31 15.12 9.14 12.11
C ASP G 31 15.05 9.60 13.56
N ARG G 32 14.22 10.60 13.84
CA ARG G 32 14.15 11.17 15.18
C ARG G 32 12.75 11.67 15.46
N VAL G 33 12.47 11.89 16.75
CA VAL G 33 11.19 12.43 17.20
C VAL G 33 11.46 13.59 18.15
N PHE G 34 10.88 14.75 17.82
CA PHE G 34 11.10 15.98 18.57
C PHE G 34 9.77 16.44 19.17
N VAL G 35 9.79 16.75 20.46
CA VAL G 35 8.64 17.34 21.13
C VAL G 35 8.80 18.85 21.08
N ASN G 36 7.84 19.54 20.48
CA ASN G 36 7.94 20.97 20.21
C ASN G 36 6.81 21.71 20.93
N CYS G 37 7.17 22.65 21.78
CA CYS G 37 6.23 23.56 22.41
C CYS G 37 6.76 24.99 22.30
N ASN G 38 5.87 25.95 22.52
CA ASN G 38 6.25 27.36 22.48
C ASN G 38 6.87 27.85 23.78
N THR G 39 7.21 26.93 24.68
CA THR G 39 7.78 27.29 25.98
C THR G 39 8.53 26.06 26.52
N SER G 40 8.87 26.10 27.80
CA SER G 40 9.55 24.98 28.43
C SER G 40 8.69 23.73 28.38
N ILE G 41 9.35 22.58 28.23
CA ILE G 41 8.67 21.29 28.16
C ILE G 41 9.11 20.50 29.38
N THR G 42 8.15 20.22 30.27
CA THR G 42 8.42 19.49 31.49
C THR G 42 8.13 18.01 31.30
N TRP G 43 9.13 17.18 31.59
CA TRP G 43 8.94 15.74 31.50
C TRP G 43 8.05 15.25 32.64
N VAL G 44 7.14 14.34 32.33
CA VAL G 44 6.24 13.75 33.32
C VAL G 44 6.58 12.28 33.55
N GLU G 45 6.49 11.46 32.52
CA GLU G 45 6.72 10.03 32.67
C GLU G 45 7.27 9.47 31.38
N GLY G 46 7.73 8.22 31.43
CA GLY G 46 8.19 7.56 30.24
C GLY G 46 9.63 7.85 29.88
N THR G 47 9.88 8.09 28.59
CA THR G 47 11.24 8.38 28.13
C THR G 47 11.72 9.71 28.69
N VAL G 48 12.93 9.70 29.26
CA VAL G 48 13.48 10.92 29.84
C VAL G 48 13.79 11.94 28.75
N GLY G 49 14.34 11.49 27.64
CA GLY G 49 14.65 12.38 26.54
C GLY G 49 15.97 13.11 26.73
N THR G 50 16.49 13.62 25.63
CA THR G 50 17.74 14.36 25.62
C THR G 50 17.50 15.79 25.14
N LEU G 51 18.14 16.75 25.80
CA LEU G 51 18.02 18.16 25.45
C LEU G 51 19.08 18.46 24.39
N LEU G 52 18.64 18.78 23.18
CA LEU G 52 19.58 19.05 22.09
C LEU G 52 20.12 20.47 22.15
N SER G 53 19.24 21.45 22.00
CA SER G 53 19.64 22.86 22.04
C SER G 53 18.92 23.64 23.13
N ASP G 54 17.60 23.50 23.23
CA ASP G 54 16.82 24.24 24.20
C ASP G 54 15.58 23.43 24.56
N ILE G 55 14.88 23.89 25.60
CA ILE G 55 13.67 23.23 26.05
C ILE G 55 12.55 23.28 25.02
N THR G 56 12.69 24.13 23.99
CA THR G 56 11.68 24.19 22.94
C THR G 56 11.65 22.91 22.11
N ARG G 57 12.81 22.29 21.90
CA ARG G 57 12.90 21.10 21.05
C ARG G 57 13.54 19.94 21.79
N LEU G 58 13.06 19.65 23.01
CA LEU G 58 13.58 18.52 23.78
C LEU G 58 13.41 17.23 22.99
N ASP G 59 14.53 16.58 22.69
CA ASP G 59 14.55 15.39 21.87
C ASP G 59 14.32 14.14 22.71
N LEU G 60 13.89 13.07 22.04
CA LEU G 60 13.65 11.79 22.69
C LEU G 60 14.53 10.67 22.16
N GLY G 61 15.12 10.82 20.97
CA GLY G 61 15.96 9.80 20.39
C GLY G 61 15.56 9.38 18.99
N LYS G 62 15.71 8.10 18.68
CA LYS G 62 15.36 7.57 17.38
C LYS G 62 13.94 7.01 17.39
N ARG G 63 13.26 7.12 16.25
CA ARG G 63 11.91 6.58 16.15
C ARG G 63 11.92 5.06 16.18
N ILE G 64 13.06 4.44 15.89
CA ILE G 64 13.17 2.99 15.96
C ILE G 64 13.39 2.50 17.39
N LEU G 65 13.85 3.37 18.28
CA LEU G 65 14.04 3.04 19.68
C LEU G 65 12.72 2.92 20.44
N ASP G 66 11.59 3.20 19.78
CA ASP G 66 10.25 3.19 20.35
C ASP G 66 10.11 4.20 21.48
N PRO G 67 10.17 5.50 21.19
CA PRO G 67 10.01 6.52 22.24
C PRO G 67 8.58 6.56 22.76
N ARG G 68 8.42 6.31 24.06
CA ARG G 68 7.12 6.33 24.70
C ARG G 68 7.22 7.17 25.97
N GLY G 69 6.34 8.16 26.11
CA GLY G 69 6.41 9.02 27.29
C GLY G 69 5.37 10.11 27.28
N ILE G 70 5.12 10.66 28.47
CA ILE G 70 4.17 11.74 28.69
C ILE G 70 4.91 12.99 29.13
N TYR G 71 4.60 14.12 28.48
CA TYR G 71 5.26 15.41 28.73
C TYR G 71 4.24 16.53 28.76
N ARG G 72 4.53 17.57 29.54
CA ARG G 72 3.70 18.77 29.65
C ARG G 72 4.44 20.01 29.15
N CYS G 73 3.65 21.03 28.84
CA CYS G 73 4.16 22.34 28.43
C CYS G 73 3.00 23.31 28.38
N ASN G 74 3.32 24.60 28.51
CA ASN G 74 2.31 25.65 28.40
C ASN G 74 2.00 25.91 26.93
N GLY G 75 1.27 26.99 26.66
CA GLY G 75 0.91 27.32 25.30
C GLY G 75 1.63 28.55 24.76
N THR G 76 0.86 29.55 24.34
CA THR G 76 1.42 30.75 23.74
C THR G 76 0.61 31.95 24.27
N ASP G 77 0.74 33.10 23.60
CA ASP G 77 0.05 34.31 24.05
C ASP G 77 -1.46 34.11 24.11
N ILE G 78 -2.03 33.37 23.14
CA ILE G 78 -3.46 33.08 23.17
C ILE G 78 -3.79 31.79 23.91
N TYR G 79 -2.79 30.98 24.24
CA TYR G 79 -2.97 29.76 25.01
C TYR G 79 -2.24 29.83 26.34
N LYS G 80 -2.26 31.01 26.96
CA LYS G 80 -1.58 31.18 28.25
C LYS G 80 -2.21 30.32 29.33
N ASP G 81 -3.53 30.47 29.52
CA ASP G 81 -4.22 29.61 30.48
C ASP G 81 -4.39 28.20 29.94
N LYS G 82 -4.65 28.07 28.64
CA LYS G 82 -4.91 26.76 28.04
C LYS G 82 -3.59 25.99 27.95
N GLU G 83 -3.36 25.12 28.93
CA GLU G 83 -2.21 24.23 28.94
C GLU G 83 -2.64 22.85 28.46
N SER G 84 -1.65 22.02 28.10
CA SER G 84 -1.96 20.71 27.59
C SER G 84 -0.76 19.78 27.76
N THR G 85 -1.04 18.49 27.79
CA THR G 85 -0.02 17.47 27.88
C THR G 85 -0.12 16.58 26.64
N VAL G 86 0.91 15.76 26.43
CA VAL G 86 0.95 14.85 25.30
C VAL G 86 1.60 13.54 25.75
N GLN G 87 1.14 12.45 25.14
CA GLN G 87 1.72 11.13 25.41
C GLN G 87 2.04 10.49 24.07
N VAL G 88 3.32 10.18 23.87
CA VAL G 88 3.80 9.57 22.64
C VAL G 88 3.92 8.07 22.87
N HIS G 89 3.69 7.32 21.79
CA HIS G 89 3.74 5.86 21.81
C HIS G 89 4.12 5.39 20.41
N TYR G 90 5.34 4.87 20.26
CA TYR G 90 5.86 4.40 18.98
C TYR G 90 6.07 2.90 19.03
N ARG G 91 5.22 2.16 18.35
CA ARG G 91 5.37 0.71 18.20
C ARG G 91 6.04 0.38 16.87
N MET G 92 7.31 0.76 16.77
CA MET G 92 8.09 0.50 15.57
C MET G 92 8.69 -0.89 15.67
N CYS G 93 8.55 -1.68 14.61
CA CYS G 93 9.05 -3.06 14.62
C CYS G 93 10.57 -3.01 14.39
N GLN G 94 11.30 -2.81 15.48
CA GLN G 94 12.75 -2.88 15.43
C GLN G 94 13.20 -4.32 15.19
N SER G 95 12.72 -5.23 16.02
CA SER G 95 13.02 -6.66 15.88
C SER G 95 11.71 -7.42 16.05
N CYS G 96 11.00 -7.61 14.95
CA CYS G 96 9.75 -8.34 14.96
C CYS G 96 9.92 -9.65 14.19
N VAL G 97 9.14 -10.66 14.57
CA VAL G 97 9.23 -11.99 13.99
C VAL G 97 7.87 -12.37 13.43
N GLU G 98 7.77 -12.48 12.11
CA GLU G 98 6.55 -12.96 11.48
C GLU G 98 6.46 -14.46 11.70
N LEU G 99 5.67 -14.87 12.69
CA LEU G 99 5.52 -16.29 12.94
C LEU G 99 4.67 -16.93 11.85
N ASP G 100 5.08 -18.11 11.41
CA ASP G 100 4.31 -18.77 10.38
C ASP G 100 3.44 -19.87 10.99
N PRO G 101 2.22 -20.05 10.47
CA PRO G 101 1.33 -21.08 11.05
C PRO G 101 1.75 -22.50 10.77
N ALA G 102 2.83 -22.71 10.01
CA ALA G 102 3.26 -24.06 9.68
C ALA G 102 4.73 -24.28 10.01
N THR G 103 5.52 -23.20 10.02
CA THR G 103 6.95 -23.34 10.27
C THR G 103 7.22 -23.69 11.73
N VAL G 104 6.72 -22.87 12.65
CA VAL G 104 6.97 -23.11 14.07
C VAL G 104 6.30 -24.40 14.52
N ALA G 105 5.13 -24.71 13.96
CA ALA G 105 4.44 -25.95 14.33
C ALA G 105 5.27 -27.16 13.92
N GLY G 106 5.75 -27.17 12.68
CA GLY G 106 6.59 -28.28 12.25
C GLY G 106 7.90 -28.36 13.02
N ILE G 107 8.47 -27.21 13.37
CA ILE G 107 9.70 -27.20 14.17
C ILE G 107 9.45 -27.86 15.52
N ILE G 108 8.37 -27.48 16.19
CA ILE G 108 8.06 -28.04 17.50
C ILE G 108 7.74 -29.53 17.40
N VAL G 109 7.00 -29.92 16.36
CA VAL G 109 6.65 -31.33 16.19
C VAL G 109 7.90 -32.18 15.99
N THR G 110 8.80 -31.72 15.10
CA THR G 110 10.01 -32.49 14.84
C THR G 110 10.95 -32.47 16.04
N ASP G 111 10.95 -31.39 16.82
CA ASP G 111 11.76 -31.38 18.05
C ASP G 111 11.24 -32.38 19.07
N VAL G 112 9.91 -32.47 19.23
CA VAL G 112 9.36 -33.47 20.13
C VAL G 112 9.68 -34.88 19.64
N ILE G 113 9.57 -35.11 18.33
CA ILE G 113 9.91 -36.42 17.79
C ILE G 113 11.38 -36.74 18.05
N ALA G 114 12.25 -35.76 17.89
CA ALA G 114 13.68 -35.99 18.08
C ALA G 114 14.00 -36.28 19.55
N THR G 115 13.37 -35.55 20.47
CA THR G 115 13.64 -35.81 21.88
C THR G 115 13.05 -37.15 22.33
N LEU G 116 11.92 -37.56 21.76
CA LEU G 116 11.39 -38.88 22.08
C LEU G 116 12.30 -39.97 21.53
N LEU G 117 12.83 -39.79 20.32
CA LEU G 117 13.78 -40.76 19.78
C LEU G 117 15.06 -40.81 20.60
N LEU G 118 15.52 -39.65 21.09
CA LEU G 118 16.70 -39.63 21.94
C LEU G 118 16.46 -40.37 23.25
N ALA G 119 15.29 -40.16 23.86
CA ALA G 119 14.94 -40.89 25.07
C ALA G 119 14.88 -42.39 24.81
N LEU G 120 14.27 -42.79 23.69
CA LEU G 120 14.19 -44.21 23.36
C LEU G 120 15.58 -44.80 23.15
N GLY G 121 16.46 -44.06 22.49
CA GLY G 121 17.81 -44.55 22.26
C GLY G 121 18.59 -44.70 23.54
N VAL G 122 18.49 -43.71 24.44
CA VAL G 122 19.23 -43.81 25.70
C VAL G 122 18.65 -44.91 26.58
N PHE G 123 17.34 -45.17 26.48
CA PHE G 123 16.77 -46.28 27.23
C PHE G 123 17.22 -47.62 26.69
N CYS G 124 17.26 -47.77 25.36
CA CYS G 124 17.73 -49.00 24.76
C CYS G 124 19.22 -49.21 25.01
N PHE G 125 19.98 -48.13 25.14
CA PHE G 125 21.41 -48.24 25.44
C PHE G 125 21.66 -48.53 26.91
N ALA G 126 20.80 -48.03 27.80
CA ALA G 126 20.98 -48.25 29.23
C ALA G 126 20.38 -49.58 29.67
N GLY G 127 19.08 -49.76 29.42
CA GLY G 127 18.39 -50.97 29.84
C GLY G 127 18.56 -52.17 28.96
N HIS G 128 19.31 -52.06 27.86
CA HIS G 128 19.53 -53.18 26.97
C HIS G 128 20.88 -53.06 26.27
N GLN H 33 -1.74 12.05 35.78
CA GLN H 33 -2.92 11.47 35.14
C GLN H 33 -2.60 10.09 34.55
N THR H 34 -3.55 9.17 34.66
CA THR H 34 -3.33 7.83 34.14
C THR H 34 -3.30 7.87 32.61
N PRO H 35 -2.26 7.32 31.99
CA PRO H 35 -2.14 7.37 30.53
C PRO H 35 -3.03 6.35 29.85
N TYR H 36 -2.94 6.33 28.52
CA TYR H 36 -3.66 5.37 27.70
C TYR H 36 -2.96 4.02 27.75
N LYS H 37 -3.64 2.99 27.28
CA LYS H 37 -3.10 1.63 27.27
C LYS H 37 -3.26 1.06 25.86
N VAL H 38 -2.27 1.26 25.01
CA VAL H 38 -2.31 0.73 23.65
C VAL H 38 -2.01 -0.76 23.70
N SER H 39 -2.83 -1.55 22.99
CA SER H 39 -2.64 -2.99 22.89
C SER H 39 -2.63 -3.38 21.42
N ILE H 40 -1.48 -3.78 20.91
CA ILE H 40 -1.34 -4.14 19.50
C ILE H 40 -1.09 -5.64 19.44
N SER H 41 -2.13 -6.40 19.10
CA SER H 41 -2.09 -7.85 18.96
C SER H 41 -2.47 -8.19 17.52
N GLY H 42 -1.46 -8.35 16.67
CA GLY H 42 -1.72 -8.57 15.26
C GLY H 42 -2.00 -7.25 14.56
N THR H 43 -2.87 -7.29 13.56
CA THR H 43 -3.28 -6.06 12.88
C THR H 43 -4.53 -5.46 13.52
N THR H 44 -4.51 -5.31 14.84
CA THR H 44 -5.59 -4.67 15.59
C THR H 44 -4.98 -3.87 16.72
N VAL H 45 -5.41 -2.62 16.86
CA VAL H 45 -4.93 -1.74 17.92
C VAL H 45 -6.12 -1.41 18.83
N ILE H 46 -5.97 -1.72 20.10
CA ILE H 46 -7.01 -1.48 21.10
C ILE H 46 -6.56 -0.33 21.98
N LEU H 47 -7.36 0.72 22.04
CA LEU H 47 -7.06 1.91 22.83
C LEU H 47 -8.09 2.04 23.95
N THR H 48 -7.62 2.11 25.19
CA THR H 48 -8.49 2.25 26.35
C THR H 48 -8.41 3.67 26.90
N CYS H 49 -9.55 4.18 27.36
CA CYS H 49 -9.64 5.57 27.83
C CYS H 49 -9.93 5.60 29.32
N PRO H 50 -8.94 5.86 30.17
CA PRO H 50 -9.17 5.92 31.61
C PRO H 50 -9.70 7.28 32.03
N GLN H 51 -9.84 7.45 33.34
CA GLN H 51 -10.28 8.69 33.98
C GLN H 51 -11.68 9.12 33.55
N TYR H 52 -12.50 8.20 33.02
CA TYR H 52 -13.88 8.51 32.66
C TYR H 52 -14.75 7.28 32.91
N PRO H 53 -15.09 7.03 34.16
CA PRO H 53 -15.94 5.87 34.48
C PRO H 53 -17.42 6.23 34.45
N GLY H 54 -18.23 5.22 34.18
CA GLY H 54 -19.67 5.40 34.16
C GLY H 54 -20.19 5.96 32.86
N SER H 55 -19.90 7.23 32.58
CA SER H 55 -20.38 7.85 31.36
C SER H 55 -19.69 7.25 30.14
N GLU H 56 -20.40 7.24 29.02
CA GLU H 56 -19.81 6.69 27.80
C GLU H 56 -18.71 7.62 27.29
N ILE H 57 -17.77 7.03 26.57
CA ILE H 57 -16.64 7.77 26.02
C ILE H 57 -16.82 7.91 24.53
N LEU H 58 -16.12 8.89 23.95
CA LEU H 58 -16.14 9.15 22.53
C LEU H 58 -14.72 9.49 22.10
N TRP H 59 -14.27 8.84 21.03
CA TRP H 59 -12.93 9.04 20.50
C TRP H 59 -12.95 10.06 19.37
N GLN H 60 -11.80 10.71 19.16
CA GLN H 60 -11.64 11.66 18.07
C GLN H 60 -10.21 11.59 17.57
N HIS H 61 -10.04 11.25 16.29
CA HIS H 61 -8.74 11.11 15.66
C HIS H 61 -8.54 12.24 14.66
N ASN H 62 -7.65 13.17 15.01
CA ASN H 62 -7.35 14.34 14.16
C ASN H 62 -8.61 15.15 13.88
N ASP H 63 -9.31 15.52 14.95
CA ASP H 63 -10.52 16.34 14.88
C ASP H 63 -11.60 15.69 14.01
N LYS H 64 -11.62 14.36 13.98
CA LYS H 64 -12.63 13.62 13.22
C LYS H 64 -13.29 12.64 14.18
N ASN H 65 -14.57 12.86 14.45
CA ASN H 65 -15.29 12.03 15.42
C ASN H 65 -15.43 10.62 14.86
N ILE H 66 -14.73 9.67 15.48
CA ILE H 66 -14.79 8.27 15.11
C ILE H 66 -15.27 7.47 16.31
N GLY H 67 -15.57 6.20 16.08
CA GLY H 67 -16.00 5.34 17.16
C GLY H 67 -17.14 4.42 16.79
N GLY H 68 -18.20 4.43 17.61
CA GLY H 68 -19.32 3.53 17.42
C GLY H 68 -20.41 4.09 16.53
N ASP H 69 -20.02 4.73 15.43
CA ASP H 69 -20.98 5.23 14.46
C ASP H 69 -21.57 4.13 13.60
N GLU H 70 -21.01 2.93 13.65
CA GLU H 70 -21.48 1.78 12.87
C GLU H 70 -21.48 2.09 11.38
N ASP H 71 -20.49 2.88 10.94
CA ASP H 71 -20.30 3.17 9.53
C ASP H 71 -19.12 2.42 8.92
N ASP H 72 -18.15 2.02 9.74
CA ASP H 72 -16.99 1.26 9.29
C ASP H 72 -16.96 -0.08 10.03
N LYS H 73 -16.48 -1.11 9.33
CA LYS H 73 -16.37 -2.43 9.92
C LYS H 73 -15.12 -2.62 10.76
N ASN H 74 -14.08 -1.80 10.53
CA ASN H 74 -12.84 -1.95 11.28
C ASN H 74 -12.91 -1.22 12.62
N ILE H 75 -13.23 0.07 12.59
CA ILE H 75 -13.26 0.87 13.81
C ILE H 75 -14.47 0.49 14.64
N GLY H 76 -14.24 0.18 15.91
CA GLY H 76 -15.33 -0.17 16.80
C GLY H 76 -15.13 0.33 18.21
N SER H 77 -16.12 1.02 18.77
CA SER H 77 -16.02 1.56 20.12
C SER H 77 -16.75 0.66 21.09
N ASP H 78 -16.00 0.09 22.03
CA ASP H 78 -16.55 -0.75 23.08
C ASP H 78 -16.93 0.13 24.27
N GLU H 79 -17.18 -0.49 25.42
CA GLU H 79 -17.53 0.28 26.61
C GLU H 79 -16.43 1.26 26.99
N ASP H 80 -15.18 0.86 26.87
CA ASP H 80 -14.07 1.76 27.12
C ASP H 80 -12.94 1.57 26.12
N HIS H 81 -13.11 0.70 25.13
CA HIS H 81 -12.06 0.38 24.17
C HIS H 81 -12.35 1.02 22.81
N LEU H 82 -11.32 0.97 21.97
CA LEU H 82 -11.39 1.42 20.58
C LEU H 82 -10.58 0.42 19.78
N SER H 83 -11.26 -0.43 19.01
CA SER H 83 -10.62 -1.45 18.19
C SER H 83 -10.46 -0.91 16.78
N LEU H 84 -9.22 -0.62 16.40
CA LEU H 84 -8.87 -0.26 15.03
C LEU H 84 -8.29 -1.51 14.37
N LYS H 85 -9.07 -2.15 13.51
CA LYS H 85 -8.60 -3.31 12.77
C LYS H 85 -7.99 -2.87 11.44
N GLU H 86 -7.03 -3.65 10.96
CA GLU H 86 -6.27 -3.32 9.76
C GLU H 86 -5.65 -1.93 9.87
N PHE H 87 -4.81 -1.77 10.89
CA PHE H 87 -4.20 -0.48 11.18
C PHE H 87 -3.29 -0.04 10.05
N SER H 88 -3.20 1.26 9.86
CA SER H 88 -2.36 1.88 8.84
C SER H 88 -1.49 2.95 9.47
N GLU H 89 -0.24 3.05 9.00
CA GLU H 89 0.67 4.06 9.55
C GLU H 89 0.40 5.46 9.02
N LEU H 90 -0.17 5.59 7.82
CA LEU H 90 -0.38 6.91 7.26
C LEU H 90 -1.84 7.32 7.18
N GLU H 91 -2.74 6.37 6.99
CA GLU H 91 -4.15 6.69 6.89
C GLU H 91 -4.85 6.71 8.24
N GLN H 92 -4.50 5.78 9.12
CA GLN H 92 -5.16 5.61 10.41
C GLN H 92 -4.20 5.86 11.58
N SER H 93 -3.37 6.89 11.50
CA SER H 93 -2.44 7.20 12.57
C SER H 93 -2.53 8.69 12.92
N GLY H 94 -1.88 9.07 14.01
CA GLY H 94 -1.85 10.46 14.41
C GLY H 94 -2.32 10.74 15.83
N TYR H 95 -3.06 11.82 16.02
CA TYR H 95 -3.51 12.22 17.35
C TYR H 95 -4.85 11.58 17.67
N TYR H 96 -5.03 11.22 18.94
CA TYR H 96 -6.26 10.63 19.44
C TYR H 96 -6.63 11.31 20.75
N VAL H 97 -7.92 11.56 20.94
CA VAL H 97 -8.42 12.12 22.19
C VAL H 97 -9.71 11.41 22.56
N CYS H 98 -9.99 11.36 23.85
CA CYS H 98 -11.18 10.71 24.38
C CYS H 98 -11.91 11.69 25.29
N TYR H 99 -13.22 11.78 25.14
CA TYR H 99 -14.00 12.71 25.96
C TYR H 99 -15.35 12.09 26.25
N PRO H 100 -15.94 12.37 27.40
CA PRO H 100 -17.28 11.85 27.68
C PRO H 100 -18.32 12.57 26.83
N ARG H 101 -19.47 11.94 26.70
CA ARG H 101 -20.55 12.54 25.91
C ARG H 101 -21.07 13.78 26.61
N GLY H 102 -21.03 14.92 25.93
CA GLY H 102 -21.42 16.19 26.48
C GLY H 102 -20.27 17.12 26.80
N SER H 103 -19.05 16.64 26.75
CA SER H 103 -17.88 17.46 27.00
C SER H 103 -17.22 17.80 25.67
N LYS H 104 -16.77 19.04 25.54
CA LYS H 104 -16.11 19.45 24.31
C LYS H 104 -14.73 18.83 24.22
N PRO H 105 -14.33 18.35 23.04
CA PRO H 105 -12.99 17.74 22.92
C PRO H 105 -11.87 18.74 23.09
N GLU H 106 -12.13 20.04 22.92
CA GLU H 106 -11.10 21.05 23.14
C GLU H 106 -10.77 21.21 24.61
N ASP H 107 -11.67 20.78 25.50
CA ASP H 107 -11.38 20.85 26.92
C ASP H 107 -10.35 19.81 27.32
N ALA H 108 -10.41 18.63 26.71
CA ALA H 108 -9.48 17.57 27.05
C ALA H 108 -8.06 17.97 26.68
N ASN H 109 -7.22 18.11 27.70
CA ASN H 109 -5.81 18.49 27.52
C ASN H 109 -4.88 17.28 27.58
N PHE H 110 -5.34 16.12 27.12
CA PHE H 110 -4.53 14.90 27.14
C PHE H 110 -4.74 14.18 25.81
N TYR H 111 -3.75 14.28 24.92
CA TYR H 111 -3.80 13.65 23.61
C TYR H 111 -2.79 12.51 23.54
N LEU H 112 -3.04 11.58 22.63
CA LEU H 112 -2.18 10.41 22.42
C LEU H 112 -1.66 10.42 20.99
N TYR H 113 -0.35 10.35 20.83
CA TYR H 113 0.27 10.33 19.50
C TYR H 113 0.56 8.89 19.13
N LEU H 114 -0.34 8.29 18.36
CA LEU H 114 -0.20 6.90 17.92
C LEU H 114 0.43 6.89 16.52
N ARG H 115 1.70 6.54 16.46
CA ARG H 115 2.44 6.38 15.21
C ARG H 115 3.12 5.02 15.33
N ALA H 116 2.44 3.96 14.92
CA ALA H 116 2.89 2.59 15.13
C ALA H 116 2.90 1.79 13.84
N ARG H 117 3.92 0.96 13.67
CA ARG H 117 4.00 0.04 12.53
C ARG H 117 3.31 -1.27 12.90
N VAL H 118 2.40 -1.71 12.06
CA VAL H 118 1.65 -2.93 12.32
C VAL H 118 1.89 -3.89 11.16
N CYS H 119 1.82 -5.18 11.46
CA CYS H 119 1.99 -6.21 10.43
C CYS H 119 1.38 -7.51 10.93
N GLU H 120 1.03 -8.36 9.99
CA GLU H 120 0.36 -9.62 10.32
C GLU H 120 1.34 -10.58 10.99
N ASN H 121 0.92 -11.17 12.09
CA ASN H 121 1.70 -12.16 12.83
C ASN H 121 3.05 -11.59 13.28
N CYS H 122 3.08 -10.30 13.59
CA CYS H 122 4.31 -9.62 14.01
C CYS H 122 4.40 -9.66 15.52
N MET H 123 5.32 -10.46 16.04
CA MET H 123 5.54 -10.57 17.47
C MET H 123 6.79 -9.81 17.86
N GLU H 124 6.81 -9.27 19.07
CA GLU H 124 7.95 -8.51 19.58
C GLU H 124 8.88 -9.49 20.28
N MET H 125 9.82 -10.05 19.52
CA MET H 125 10.77 -11.02 20.02
C MET H 125 12.16 -10.41 20.09
N ASP H 126 12.90 -10.74 21.14
CA ASP H 126 14.26 -10.26 21.35
C ASP H 126 15.19 -11.44 21.62
N VAL H 127 16.45 -11.13 21.93
CA VAL H 127 17.42 -12.20 22.17
C VAL H 127 17.17 -12.88 23.51
N MET H 128 16.67 -12.15 24.51
CA MET H 128 16.45 -12.75 25.81
C MET H 128 15.37 -13.82 25.77
N SER H 129 14.32 -13.59 24.98
CA SER H 129 13.22 -14.55 24.92
C SER H 129 13.68 -15.87 24.30
N VAL H 130 14.40 -15.80 23.18
CA VAL H 130 14.87 -17.03 22.54
C VAL H 130 15.94 -17.70 23.39
N ALA H 131 16.77 -16.92 24.08
CA ALA H 131 17.74 -17.52 25.00
C ALA H 131 17.03 -18.28 26.11
N THR H 132 15.98 -17.69 26.68
CA THR H 132 15.23 -18.36 27.73
C THR H 132 14.55 -19.62 27.20
N ILE H 133 14.01 -19.57 25.98
CA ILE H 133 13.29 -20.73 25.47
C ILE H 133 14.26 -21.87 25.14
N VAL H 134 15.45 -21.54 24.63
CA VAL H 134 16.41 -22.62 24.36
C VAL H 134 16.98 -23.17 25.65
N ILE H 135 17.15 -22.32 26.67
CA ILE H 135 17.61 -22.81 27.97
C ILE H 135 16.59 -23.76 28.57
N VAL H 136 15.31 -23.39 28.52
CA VAL H 136 14.29 -24.26 29.09
C VAL H 136 14.13 -25.53 28.27
N ASP H 137 14.37 -25.46 26.95
CA ASP H 137 14.34 -26.67 26.14
C ASP H 137 15.44 -27.63 26.56
N ILE H 138 16.67 -27.11 26.73
CA ILE H 138 17.78 -27.94 27.18
C ILE H 138 17.48 -28.52 28.56
N CYS H 139 16.85 -27.72 29.42
CA CYS H 139 16.51 -28.19 30.77
C CYS H 139 15.51 -29.33 30.73
N ILE H 140 14.44 -29.20 29.94
CA ILE H 140 13.45 -30.27 29.85
C ILE H 140 14.07 -31.51 29.24
N THR H 141 14.94 -31.34 28.25
CA THR H 141 15.60 -32.49 27.63
C THR H 141 16.46 -33.23 28.65
N GLY H 142 17.27 -32.49 29.42
CA GLY H 142 18.10 -33.12 30.43
C GLY H 142 17.28 -33.79 31.52
N GLY H 143 16.18 -33.15 31.93
CA GLY H 143 15.32 -33.75 32.92
C GLY H 143 14.69 -35.05 32.45
N LEU H 144 14.20 -35.07 31.21
CA LEU H 144 13.63 -36.30 30.66
C LEU H 144 14.70 -37.38 30.55
N LEU H 145 15.91 -37.01 30.13
CA LEU H 145 16.98 -37.99 30.04
C LEU H 145 17.31 -38.58 31.41
N LEU H 146 17.44 -37.73 32.43
CA LEU H 146 17.74 -38.22 33.77
C LEU H 146 16.62 -39.11 34.30
N LEU H 147 15.37 -38.73 34.03
CA LEU H 147 14.25 -39.53 34.50
C LEU H 147 14.24 -40.91 33.85
N VAL H 148 14.44 -40.95 32.53
CA VAL H 148 14.43 -42.24 31.84
C VAL H 148 15.65 -43.07 32.23
N TYR H 149 16.77 -42.43 32.54
CA TYR H 149 17.94 -43.16 32.99
C TYR H 149 17.69 -43.80 34.35
N TYR H 150 17.11 -43.04 35.29
CA TYR H 150 16.79 -43.60 36.60
C TYR H 150 15.73 -44.69 36.49
N TRP H 151 14.82 -44.58 35.52
CA TRP H 151 13.80 -45.61 35.34
C TRP H 151 14.36 -46.87 34.69
N SER H 152 15.37 -46.73 33.83
CA SER H 152 15.94 -47.90 33.17
C SER H 152 16.99 -48.58 34.03
N LYS H 153 17.65 -47.85 34.92
CA LYS H 153 18.68 -48.47 35.76
C LYS H 153 18.05 -49.42 36.78
N ASN H 154 16.90 -49.04 37.35
CA ASN H 154 16.24 -49.88 38.34
C ASN H 154 15.50 -51.04 37.68
N ARG H 155 14.55 -50.73 36.80
CA ARG H 155 13.77 -51.75 36.12
C ARG H 155 14.53 -52.33 34.94
N GLN I 33 -1.96 -9.33 -25.59
CA GLN I 33 -1.70 -10.58 -26.28
C GLN I 33 -0.61 -11.37 -25.58
N THR I 34 0.56 -11.45 -26.22
CA THR I 34 1.68 -12.18 -25.64
C THR I 34 2.36 -11.32 -24.58
N PRO I 35 2.51 -11.81 -23.36
CA PRO I 35 3.15 -11.00 -22.31
C PRO I 35 4.65 -10.87 -22.52
N TYR I 36 5.24 -9.97 -21.73
CA TYR I 36 6.67 -9.74 -21.79
C TYR I 36 7.43 -10.95 -21.23
N LYS I 37 8.68 -11.07 -21.64
CA LYS I 37 9.54 -12.18 -21.22
C LYS I 37 10.73 -11.58 -20.49
N VAL I 38 10.60 -11.44 -19.17
CA VAL I 38 11.68 -10.89 -18.36
C VAL I 38 12.66 -12.01 -18.03
N SER I 39 13.94 -11.77 -18.30
CA SER I 39 15.00 -12.74 -18.05
C SER I 39 16.09 -12.09 -17.23
N ILE I 40 16.27 -12.55 -15.99
CA ILE I 40 17.25 -11.98 -15.07
C ILE I 40 18.17 -13.09 -14.62
N SER I 41 19.46 -12.94 -14.90
CA SER I 41 20.47 -13.87 -14.40
C SER I 41 21.29 -13.23 -13.28
N GLY I 42 21.95 -12.12 -13.55
CA GLY I 42 22.57 -11.33 -12.51
C GLY I 42 22.85 -9.93 -12.98
N THR I 43 22.34 -8.93 -12.27
CA THR I 43 22.50 -7.51 -12.60
C THR I 43 22.24 -7.21 -14.07
N THR I 44 21.48 -8.06 -14.77
CA THR I 44 21.12 -7.83 -16.17
C THR I 44 19.68 -8.28 -16.34
N VAL I 45 18.78 -7.33 -16.56
CA VAL I 45 17.38 -7.62 -16.83
C VAL I 45 17.15 -7.48 -18.34
N ILE I 46 16.75 -8.58 -18.97
CA ILE I 46 16.56 -8.61 -20.41
C ILE I 46 15.06 -8.72 -20.66
N LEU I 47 14.44 -7.60 -20.99
CA LEU I 47 13.04 -7.58 -21.35
C LEU I 47 12.88 -7.98 -22.81
N THR I 48 11.79 -8.67 -23.11
CA THR I 48 11.50 -9.15 -24.46
C THR I 48 10.06 -8.83 -24.82
N CYS I 49 9.87 -8.24 -26.00
CA CYS I 49 8.57 -7.85 -26.52
C CYS I 49 8.21 -8.77 -27.69
N PRO I 50 7.49 -9.86 -27.45
CA PRO I 50 7.21 -10.80 -28.54
C PRO I 50 6.28 -10.24 -29.60
N GLN I 51 5.39 -9.32 -29.23
CA GLN I 51 4.44 -8.76 -30.18
C GLN I 51 5.14 -7.80 -31.12
N TYR I 52 4.36 -7.25 -32.06
CA TYR I 52 4.81 -6.33 -33.10
C TYR I 52 5.91 -6.94 -33.95
N PRO I 53 5.61 -7.94 -34.77
CA PRO I 53 6.65 -8.55 -35.60
C PRO I 53 6.89 -7.77 -36.88
N GLY I 54 8.13 -7.82 -37.35
CA GLY I 54 8.48 -7.16 -38.59
C GLY I 54 8.48 -5.65 -38.52
N SER I 55 8.88 -5.08 -37.38
CA SER I 55 8.92 -3.64 -37.21
C SER I 55 10.00 -3.30 -36.19
N GLU I 56 10.41 -2.04 -36.17
CA GLU I 56 11.39 -1.56 -35.21
C GLU I 56 10.66 -1.08 -33.97
N ILE I 57 10.75 -1.84 -32.90
CA ILE I 57 10.07 -1.46 -31.68
C ILE I 57 11.00 -0.59 -30.85
N LEU I 58 10.41 0.28 -30.05
CA LEU I 58 11.12 1.18 -29.16
C LEU I 58 10.59 1.01 -27.75
N TRP I 59 11.46 1.24 -26.78
CA TRP I 59 11.12 1.11 -25.37
C TRP I 59 10.96 2.49 -24.75
N GLN I 60 10.31 2.50 -23.58
CA GLN I 60 10.10 3.76 -22.88
C GLN I 60 9.95 3.47 -21.39
N HIS I 61 10.77 4.13 -20.58
CA HIS I 61 10.78 3.93 -19.12
C HIS I 61 10.31 5.19 -18.42
N ASN I 62 9.06 5.16 -17.94
CA ASN I 62 8.45 6.29 -17.23
C ASN I 62 8.48 7.56 -18.07
N ASP I 63 7.88 7.46 -19.26
CA ASP I 63 7.79 8.58 -20.19
C ASP I 63 9.18 9.12 -20.54
N LYS I 64 10.11 8.22 -20.79
CA LYS I 64 11.47 8.60 -21.17
C LYS I 64 12.02 7.53 -22.10
N ASN I 65 12.40 7.91 -23.31
CA ASN I 65 12.88 6.93 -24.27
C ASN I 65 14.23 6.40 -23.82
N ILE I 66 14.30 5.09 -23.58
CA ILE I 66 15.52 4.41 -23.19
C ILE I 66 15.90 3.40 -24.26
N GLY I 67 17.17 3.01 -24.25
CA GLY I 67 17.68 2.04 -25.20
C GLY I 67 17.84 2.54 -26.61
N GLY I 68 17.58 3.80 -26.89
CA GLY I 68 17.73 4.33 -28.24
C GLY I 68 19.15 4.77 -28.51
N ASP I 69 19.31 6.00 -29.00
CA ASP I 69 20.62 6.55 -29.33
C ASP I 69 21.05 7.38 -28.11
N GLU I 70 21.70 6.72 -27.17
CA GLU I 70 22.26 7.38 -26.00
C GLU I 70 23.62 6.78 -25.69
N ASP I 71 24.55 7.63 -25.25
CA ASP I 71 25.91 7.19 -24.94
C ASP I 71 25.92 6.48 -23.59
N ASP I 72 25.34 5.29 -23.59
CA ASP I 72 25.25 4.45 -22.39
C ASP I 72 25.23 3.01 -22.83
N LYS I 73 26.26 2.25 -22.45
CA LYS I 73 26.37 0.85 -22.83
C LYS I 73 25.66 -0.08 -21.87
N ASN I 74 25.09 0.45 -20.78
CA ASN I 74 24.36 -0.40 -19.85
C ASN I 74 22.98 -0.76 -20.39
N ILE I 75 22.33 0.18 -21.07
CA ILE I 75 21.01 -0.04 -21.65
C ILE I 75 21.18 -0.25 -23.15
N GLY I 76 20.68 -1.37 -23.65
CA GLY I 76 20.80 -1.69 -25.06
C GLY I 76 19.51 -2.24 -25.62
N SER I 77 19.25 -1.95 -26.89
CA SER I 77 18.06 -2.41 -27.58
C SER I 77 18.46 -3.04 -28.91
N ASP I 78 18.03 -4.28 -29.14
CA ASP I 78 18.35 -4.97 -30.40
C ASP I 78 17.37 -6.10 -30.61
N GLU I 79 16.57 -6.04 -31.67
CA GLU I 79 15.61 -7.08 -32.04
C GLU I 79 14.63 -7.35 -30.90
N ASP I 80 13.82 -6.35 -30.63
CA ASP I 80 12.79 -6.35 -29.58
C ASP I 80 13.31 -6.91 -28.26
N HIS I 81 14.55 -6.58 -27.94
CA HIS I 81 15.16 -6.93 -26.67
C HIS I 81 15.60 -5.65 -25.97
N LEU I 82 15.58 -5.67 -24.65
CA LEU I 82 16.01 -4.53 -23.83
C LEU I 82 16.94 -5.09 -22.76
N SER I 83 18.24 -4.97 -22.97
CA SER I 83 19.22 -5.44 -22.01
C SER I 83 19.61 -4.29 -21.10
N LEU I 84 19.18 -4.36 -19.84
CA LEU I 84 19.54 -3.39 -18.80
C LEU I 84 20.59 -4.05 -17.93
N LYS I 85 21.86 -3.73 -18.17
CA LYS I 85 22.96 -4.22 -17.36
C LYS I 85 23.16 -3.35 -16.13
N GLU I 86 23.60 -3.98 -15.04
CA GLU I 86 23.74 -3.32 -13.75
C GLU I 86 22.42 -2.68 -13.33
N PHE I 87 21.41 -3.52 -13.21
CA PHE I 87 20.06 -3.07 -12.90
C PHE I 87 20.01 -2.46 -11.50
N SER I 88 19.31 -1.35 -11.37
CA SER I 88 19.15 -0.65 -10.11
C SER I 88 17.69 -0.68 -9.68
N GLU I 89 17.47 -0.93 -8.39
CA GLU I 89 16.10 -1.01 -7.88
C GLU I 89 15.48 0.36 -7.65
N LEU I 90 16.30 1.40 -7.48
CA LEU I 90 15.79 2.73 -7.17
C LEU I 90 15.41 3.51 -8.42
N GLU I 91 16.36 3.68 -9.34
CA GLU I 91 16.14 4.53 -10.50
C GLU I 91 15.71 3.79 -11.76
N GLN I 92 15.99 2.49 -11.88
CA GLN I 92 15.68 1.75 -13.10
C GLN I 92 14.49 0.81 -12.92
N SER I 93 13.54 1.15 -12.06
CA SER I 93 12.37 0.31 -11.84
C SER I 93 11.11 1.14 -11.97
N GLY I 94 10.19 0.70 -12.82
CA GLY I 94 8.94 1.40 -13.03
C GLY I 94 8.10 0.78 -14.13
N TYR I 95 7.55 1.62 -15.01
CA TYR I 95 6.73 1.16 -16.12
C TYR I 95 7.57 1.14 -17.40
N TYR I 96 7.46 0.07 -18.16
CA TYR I 96 8.18 -0.09 -19.42
C TYR I 96 7.20 -0.28 -20.56
N VAL I 97 7.38 0.50 -21.62
CA VAL I 97 6.51 0.44 -22.79
C VAL I 97 7.33 -0.11 -23.95
N CYS I 98 6.64 -0.79 -24.86
CA CYS I 98 7.22 -1.33 -26.09
C CYS I 98 6.27 -1.04 -27.23
N TYR I 99 6.65 -0.11 -28.12
CA TYR I 99 5.75 0.31 -29.18
C TYR I 99 6.53 0.43 -30.48
N PRO I 100 5.95 0.02 -31.60
CA PRO I 100 6.68 0.12 -32.87
C PRO I 100 6.94 1.58 -33.23
N ARG I 101 7.92 1.78 -34.11
CA ARG I 101 8.28 3.14 -34.51
C ARG I 101 7.14 3.80 -35.28
N GLY I 102 6.87 5.06 -34.94
CA GLY I 102 5.80 5.82 -35.54
C GLY I 102 4.48 5.76 -34.81
N SER I 103 4.32 4.87 -33.84
CA SER I 103 3.10 4.77 -33.07
C SER I 103 3.29 5.44 -31.72
N LYS I 104 2.20 5.95 -31.16
CA LYS I 104 2.29 6.58 -29.86
C LYS I 104 2.36 5.53 -28.76
N PRO I 105 3.08 5.82 -27.67
CA PRO I 105 3.17 4.84 -26.57
C PRO I 105 1.84 4.52 -25.93
N GLU I 106 0.84 5.38 -26.07
CA GLU I 106 -0.47 5.14 -25.49
C GLU I 106 -1.32 4.20 -26.33
N ASP I 107 -0.74 3.62 -27.38
CA ASP I 107 -1.45 2.69 -28.24
C ASP I 107 -0.98 1.26 -28.03
N ALA I 108 -0.12 1.03 -27.05
CA ALA I 108 0.37 -0.31 -26.77
C ALA I 108 -0.75 -1.15 -26.17
N ASN I 109 -0.58 -2.47 -26.23
CA ASN I 109 -1.60 -3.36 -25.68
C ASN I 109 -1.65 -3.27 -24.16
N PHE I 110 -0.49 -3.24 -23.51
CA PHE I 110 -0.44 -3.15 -22.06
C PHE I 110 0.94 -2.64 -21.65
N TYR I 111 1.08 -2.38 -20.35
CA TYR I 111 2.32 -1.89 -19.76
C TYR I 111 2.97 -3.01 -18.96
N LEU I 112 4.07 -2.66 -18.28
CA LEU I 112 4.80 -3.63 -17.47
C LEU I 112 5.40 -2.91 -16.27
N TYR I 113 4.98 -3.27 -15.08
CA TYR I 113 5.52 -2.70 -13.85
C TYR I 113 6.61 -3.62 -13.33
N LEU I 114 7.86 -3.25 -13.57
CA LEU I 114 9.01 -4.06 -13.21
C LEU I 114 9.56 -3.58 -11.88
N ARG I 115 9.53 -4.46 -10.88
CA ARG I 115 10.11 -4.19 -9.57
C ARG I 115 10.87 -5.47 -9.19
N ALA I 116 12.19 -5.42 -9.27
CA ALA I 116 13.00 -6.60 -9.00
C ALA I 116 14.31 -6.19 -8.35
N ARG I 117 14.69 -6.94 -7.32
CA ARG I 117 15.97 -6.77 -6.64
C ARG I 117 16.97 -7.75 -7.24
N VAL I 118 18.00 -7.23 -7.88
CA VAL I 118 18.93 -8.04 -8.61
C VAL I 118 20.21 -8.20 -7.80
N CYS I 119 21.08 -9.12 -8.22
CA CYS I 119 22.30 -9.43 -7.51
C CYS I 119 23.44 -9.62 -8.50
N GLU I 120 24.61 -9.95 -7.96
CA GLU I 120 25.63 -10.67 -8.70
C GLU I 120 25.50 -12.14 -8.31
N ASN I 121 25.07 -12.96 -9.25
CA ASN I 121 24.79 -14.39 -9.07
C ASN I 121 24.02 -14.67 -7.78
N CYS I 122 22.86 -14.03 -7.65
CA CYS I 122 21.82 -14.48 -6.72
C CYS I 122 20.94 -15.49 -7.44
N MET I 123 20.97 -16.74 -6.98
CA MET I 123 20.18 -17.79 -7.60
C MET I 123 18.73 -17.64 -7.15
N GLU I 124 17.85 -18.49 -7.70
CA GLU I 124 16.44 -18.52 -7.35
C GLU I 124 16.06 -19.97 -7.11
N MET I 125 15.87 -20.34 -5.85
CA MET I 125 15.57 -21.72 -5.48
C MET I 125 14.05 -21.89 -5.51
N ASP I 126 13.55 -22.40 -6.64
CA ASP I 126 12.14 -22.71 -6.79
C ASP I 126 11.88 -24.13 -6.31
N VAL I 127 10.68 -24.64 -6.59
CA VAL I 127 10.30 -25.95 -6.07
C VAL I 127 11.06 -27.07 -6.78
N MET I 128 11.16 -26.99 -8.11
CA MET I 128 11.81 -28.06 -8.85
C MET I 128 13.29 -28.16 -8.51
N SER I 129 13.95 -27.02 -8.27
CA SER I 129 15.37 -27.04 -7.97
C SER I 129 15.65 -27.72 -6.63
N VAL I 130 14.96 -27.30 -5.58
CA VAL I 130 15.15 -27.94 -4.28
C VAL I 130 14.73 -29.39 -4.33
N ALA I 131 13.68 -29.70 -5.10
CA ALA I 131 13.25 -31.09 -5.22
C ALA I 131 14.34 -31.96 -5.83
N THR I 132 14.90 -31.53 -6.95
CA THR I 132 15.91 -32.35 -7.61
C THR I 132 17.20 -32.41 -6.79
N ILE I 133 17.57 -31.31 -6.13
CA ILE I 133 18.75 -31.33 -5.29
C ILE I 133 18.57 -32.32 -4.15
N VAL I 134 17.40 -32.31 -3.51
CA VAL I 134 17.14 -33.23 -2.41
C VAL I 134 17.16 -34.67 -2.90
N ILE I 135 16.53 -34.94 -4.04
CA ILE I 135 16.44 -36.32 -4.50
C ILE I 135 17.81 -36.86 -4.91
N VAL I 136 18.62 -36.03 -5.59
CA VAL I 136 19.94 -36.50 -5.96
C VAL I 136 20.84 -36.64 -4.74
N ASP I 137 20.67 -35.76 -3.74
CA ASP I 137 21.45 -35.90 -2.52
C ASP I 137 21.13 -37.21 -1.81
N ILE I 138 19.84 -37.50 -1.63
CA ILE I 138 19.47 -38.72 -0.91
C ILE I 138 19.87 -39.96 -1.71
N CYS I 139 19.76 -39.90 -3.05
CA CYS I 139 20.12 -41.07 -3.84
C CYS I 139 21.62 -41.32 -3.79
N ILE I 140 22.43 -40.26 -3.92
CA ILE I 140 23.87 -40.42 -3.85
C ILE I 140 24.28 -40.92 -2.47
N THR I 141 23.69 -40.37 -1.41
CA THR I 141 24.03 -40.79 -0.06
C THR I 141 23.68 -42.26 0.16
N GLY I 142 22.47 -42.66 -0.24
CA GLY I 142 22.07 -44.05 -0.08
C GLY I 142 22.93 -45.00 -0.87
N GLY I 143 23.24 -44.65 -2.12
CA GLY I 143 24.10 -45.50 -2.93
C GLY I 143 25.49 -45.66 -2.35
N LEU I 144 26.09 -44.55 -1.92
CA LEU I 144 27.43 -44.62 -1.35
C LEU I 144 27.43 -45.41 -0.04
N LEU I 145 26.41 -45.20 0.80
CA LEU I 145 26.34 -45.93 2.06
C LEU I 145 26.16 -47.43 1.82
N LEU I 146 25.28 -47.80 0.89
CA LEU I 146 25.09 -49.22 0.57
C LEU I 146 26.36 -49.82 -0.01
N LEU I 147 27.07 -49.07 -0.85
CA LEU I 147 28.32 -49.57 -1.42
C LEU I 147 29.35 -49.82 -0.33
N VAL I 148 29.51 -48.87 0.60
CA VAL I 148 30.48 -49.04 1.68
C VAL I 148 30.07 -50.20 2.57
N TYR I 149 28.77 -50.34 2.84
CA TYR I 149 28.30 -51.43 3.68
C TYR I 149 28.59 -52.79 3.04
N TYR I 150 28.29 -52.93 1.75
CA TYR I 150 28.54 -54.19 1.07
C TYR I 150 30.03 -54.47 0.98
N TRP I 151 30.86 -53.44 0.77
CA TRP I 151 32.29 -53.64 0.70
C TRP I 151 32.85 -54.09 2.05
N SER I 152 32.39 -53.46 3.14
CA SER I 152 32.87 -53.85 4.46
C SER I 152 32.36 -55.23 4.86
N LYS I 153 31.19 -55.63 4.36
CA LYS I 153 30.68 -56.97 4.65
C LYS I 153 31.44 -58.03 3.86
N ASN I 154 31.78 -57.74 2.60
CA ASN I 154 32.46 -58.71 1.76
C ASN I 154 33.96 -58.77 2.01
N ARG I 155 34.54 -57.74 2.60
CA ARG I 155 35.98 -57.75 2.88
C ARG I 155 36.33 -58.68 4.03
N LYS I 156 35.38 -59.03 4.88
CA LYS I 156 35.63 -59.91 6.00
C LYS I 156 34.89 -61.24 5.84
N GLN J 23 0.10 3.43 -16.99
CA GLN J 23 0.43 4.85 -17.08
C GLN J 23 0.26 5.35 -18.52
N SER J 24 -0.99 5.45 -18.97
CA SER J 24 -1.29 5.90 -20.32
C SER J 24 -2.56 6.75 -20.29
N ILE J 25 -2.47 7.94 -20.86
CA ILE J 25 -3.63 8.83 -20.97
C ILE J 25 -4.32 8.54 -22.29
N LYS J 26 -5.64 8.32 -22.23
CA LYS J 26 -6.49 8.05 -23.40
C LYS J 26 -6.21 6.64 -23.92
N GLY J 27 -5.17 5.99 -23.40
CA GLY J 27 -4.78 4.68 -23.83
C GLY J 27 -5.64 3.54 -23.36
N ASN J 28 -6.75 3.81 -22.68
CA ASN J 28 -7.66 2.79 -22.15
C ASN J 28 -6.95 1.84 -21.19
N HIS J 29 -5.88 2.29 -20.55
CA HIS J 29 -5.17 1.43 -19.60
C HIS J 29 -5.91 1.39 -18.26
N LEU J 30 -6.05 2.55 -17.63
CA LEU J 30 -6.81 2.77 -16.39
C LEU J 30 -6.36 1.90 -15.22
N VAL J 31 -5.21 1.24 -15.32
CA VAL J 31 -4.70 0.39 -14.24
C VAL J 31 -3.29 0.87 -13.90
N LYS J 32 -3.11 1.41 -12.71
CA LYS J 32 -1.81 1.88 -12.26
C LYS J 32 -1.54 1.39 -10.86
N VAL J 33 -0.29 0.98 -10.61
CA VAL J 33 0.11 0.59 -9.27
C VAL J 33 0.20 1.84 -8.40
N TYR J 34 -0.35 1.76 -7.18
CA TYR J 34 -0.34 2.91 -6.28
C TYR J 34 1.07 3.39 -6.02
N ASP J 35 1.90 2.54 -5.44
CA ASP J 35 3.29 2.82 -5.13
C ASP J 35 3.96 1.51 -4.77
N TYR J 36 5.20 1.57 -4.29
CA TYR J 36 5.86 0.38 -3.80
C TYR J 36 5.35 0.09 -2.38
N GLN J 37 6.01 -0.81 -1.67
CA GLN J 37 5.48 -1.31 -0.41
C GLN J 37 5.34 -0.24 0.67
N GLU J 38 6.46 0.29 1.15
CA GLU J 38 6.56 1.21 2.28
C GLU J 38 6.14 0.53 3.59
N ASP J 39 5.58 -0.67 3.48
CA ASP J 39 5.26 -1.50 4.63
C ASP J 39 5.52 -2.98 4.41
N GLY J 40 5.71 -3.42 3.17
CA GLY J 40 5.79 -4.82 2.83
C GLY J 40 4.64 -5.35 1.99
N SER J 41 3.88 -4.49 1.30
CA SER J 41 2.77 -4.94 0.49
C SER J 41 2.49 -3.93 -0.62
N VAL J 42 2.10 -4.43 -1.79
CA VAL J 42 1.85 -3.60 -2.95
C VAL J 42 0.35 -3.35 -3.08
N LEU J 43 0.01 -2.26 -3.77
CA LEU J 43 -1.38 -1.86 -3.96
C LEU J 43 -1.61 -1.45 -5.41
N LEU J 44 -2.80 -1.76 -5.91
CA LEU J 44 -3.22 -1.35 -7.25
C LEU J 44 -4.16 -0.17 -7.18
N THR J 45 -4.52 0.35 -8.35
CA THR J 45 -5.42 1.49 -8.44
C THR J 45 -6.03 1.53 -9.82
N CYS J 46 -7.35 1.65 -9.89
CA CYS J 46 -8.06 1.78 -11.15
C CYS J 46 -8.66 3.18 -11.21
N ASP J 47 -8.47 3.87 -12.34
CA ASP J 47 -8.93 5.24 -12.51
C ASP J 47 -10.36 5.30 -13.04
N ALA J 48 -11.17 4.27 -12.81
CA ALA J 48 -12.56 4.30 -13.22
C ALA J 48 -13.34 5.28 -12.36
N GLU J 49 -14.19 6.07 -13.01
CA GLU J 49 -14.98 7.07 -12.28
C GLU J 49 -16.06 6.46 -11.42
N ALA J 50 -16.46 5.22 -11.68
CA ALA J 50 -17.48 4.57 -10.89
C ALA J 50 -16.96 4.23 -9.49
N LYS J 51 -17.90 4.07 -8.56
CA LYS J 51 -17.53 3.71 -7.19
C LYS J 51 -17.04 2.27 -7.12
N ASN J 52 -17.88 1.32 -7.54
CA ASN J 52 -17.49 -0.07 -7.61
C ASN J 52 -16.71 -0.33 -8.89
N ILE J 53 -15.74 -1.24 -8.81
CA ILE J 53 -14.95 -1.68 -9.96
C ILE J 53 -14.85 -3.20 -9.95
N THR J 54 -14.87 -3.79 -11.14
CA THR J 54 -14.80 -5.25 -11.28
C THR J 54 -13.38 -5.64 -11.72
N TRP J 55 -12.59 -6.15 -10.78
CA TRP J 55 -11.22 -6.53 -11.11
C TRP J 55 -11.19 -7.80 -11.95
N PHE J 56 -10.13 -7.95 -12.74
CA PHE J 56 -9.99 -9.09 -13.64
C PHE J 56 -8.53 -9.53 -13.73
N LYS J 57 -8.32 -10.84 -13.67
CA LYS J 57 -7.02 -11.47 -13.80
C LYS J 57 -7.12 -12.57 -14.84
N ASP J 58 -6.53 -12.35 -16.02
CA ASP J 58 -6.58 -13.29 -17.15
C ASP J 58 -8.02 -13.57 -17.58
N GLY J 59 -8.94 -12.63 -17.36
CA GLY J 59 -10.32 -12.81 -17.74
C GLY J 59 -11.23 -13.41 -16.70
N LYS J 60 -10.80 -13.48 -15.44
CA LYS J 60 -11.58 -14.08 -14.37
C LYS J 60 -11.93 -13.00 -13.36
N MET J 61 -13.18 -12.96 -12.94
CA MET J 61 -13.62 -11.97 -11.96
C MET J 61 -13.06 -12.27 -10.59
N ILE J 62 -12.60 -11.21 -9.90
CA ILE J 62 -12.05 -11.35 -8.57
C ILE J 62 -12.95 -10.75 -7.50
N GLY J 63 -13.72 -9.72 -7.83
CA GLY J 63 -14.62 -9.11 -6.86
C GLY J 63 -14.72 -7.60 -7.00
N PHE J 64 -15.72 -7.02 -6.36
CA PHE J 64 -15.92 -5.57 -6.40
C PHE J 64 -14.97 -4.91 -5.40
N LEU J 65 -15.17 -3.62 -5.16
CA LEU J 65 -14.32 -2.87 -4.24
C LEU J 65 -15.17 -1.81 -3.58
N THR J 66 -15.07 -1.71 -2.25
CA THR J 66 -15.85 -0.74 -1.49
C THR J 66 -15.22 0.64 -1.65
N GLU J 67 -15.73 1.62 -0.90
CA GLU J 67 -15.29 2.99 -1.05
C GLU J 67 -14.34 3.44 0.04
N ASP J 68 -14.20 2.67 1.13
CA ASP J 68 -13.26 3.02 2.18
C ASP J 68 -11.82 2.82 1.75
N LYS J 69 -11.57 2.16 0.63
CA LYS J 69 -10.22 1.91 0.15
C LYS J 69 -10.28 1.66 -1.35
N LYS J 70 -9.50 2.42 -2.11
CA LYS J 70 -9.41 2.27 -3.56
C LYS J 70 -8.03 1.78 -3.97
N LYS J 71 -7.44 0.91 -3.16
CA LYS J 71 -6.09 0.42 -3.34
C LYS J 71 -6.05 -1.10 -3.20
N TRP J 72 -6.93 -1.77 -3.94
CA TRP J 72 -7.02 -3.23 -3.93
C TRP J 72 -5.64 -3.85 -4.09
N ASN J 73 -5.26 -4.69 -3.14
CA ASN J 73 -3.91 -5.23 -3.09
C ASN J 73 -3.83 -6.61 -3.75
N LEU J 74 -2.60 -7.12 -3.84
CA LEU J 74 -2.33 -8.45 -4.37
C LEU J 74 -1.58 -9.32 -3.37
N GLY J 75 -1.38 -8.84 -2.14
CA GLY J 75 -0.62 -9.55 -1.14
C GLY J 75 0.60 -8.75 -0.71
N SER J 76 1.65 -9.48 -0.35
CA SER J 76 2.93 -8.87 0.02
C SER J 76 3.88 -8.95 -1.17
N ASN J 77 4.77 -7.96 -1.25
CA ASN J 77 5.75 -7.96 -2.35
C ASN J 77 6.73 -9.11 -2.23
N ALA J 78 6.89 -9.68 -1.03
CA ALA J 78 7.78 -10.83 -0.87
C ALA J 78 7.21 -12.09 -1.50
N LYS J 79 5.90 -12.14 -1.71
CA LYS J 79 5.25 -13.30 -2.33
C LYS J 79 5.36 -13.29 -3.85
N ASP J 80 6.05 -12.29 -4.42
CA ASP J 80 6.25 -12.14 -5.85
C ASP J 80 4.93 -12.08 -6.60
N PRO J 81 4.14 -11.01 -6.45
CA PRO J 81 2.90 -10.89 -7.23
C PRO J 81 3.21 -10.58 -8.68
N ARG J 82 2.67 -11.38 -9.59
CA ARG J 82 2.92 -11.19 -11.01
C ARG J 82 1.73 -11.72 -11.80
N GLY J 83 1.46 -11.07 -12.94
CA GLY J 83 0.37 -11.48 -13.79
C GLY J 83 -0.35 -10.32 -14.45
N MET J 84 -1.37 -10.61 -15.24
CA MET J 84 -2.12 -9.58 -15.95
C MET J 84 -3.29 -9.11 -15.10
N TYR J 85 -3.38 -7.79 -14.86
CA TYR J 85 -4.47 -7.27 -14.04
C TYR J 85 -5.16 -6.12 -14.75
N GLN J 86 -6.50 -6.13 -14.73
CA GLN J 86 -7.28 -5.09 -15.38
C GLN J 86 -8.52 -4.81 -14.55
N CYS J 87 -9.25 -3.76 -14.91
CA CYS J 87 -10.46 -3.37 -14.20
C CYS J 87 -11.57 -3.02 -15.18
N LYS J 88 -12.80 -3.34 -14.79
CA LYS J 88 -14.01 -2.99 -15.53
C LYS J 88 -14.81 -2.07 -14.61
N GLY J 89 -14.68 -0.76 -14.83
CA GLY J 89 -15.37 0.19 -13.99
C GLY J 89 -16.82 0.46 -14.32
N SER J 90 -17.08 1.05 -15.47
CA SER J 90 -18.43 1.49 -15.83
C SER J 90 -18.94 0.87 -17.12
N GLN J 91 -18.16 0.95 -18.20
CA GLN J 91 -18.67 0.65 -19.53
C GLN J 91 -17.94 -0.51 -20.20
N ASN J 92 -16.61 -0.54 -20.16
CA ASN J 92 -15.87 -1.56 -20.89
C ASN J 92 -14.61 -1.93 -20.12
N LYS J 93 -14.15 -3.16 -20.36
CA LYS J 93 -12.96 -3.67 -19.69
C LYS J 93 -11.72 -2.93 -20.19
N SER J 94 -10.91 -2.44 -19.25
CA SER J 94 -9.73 -1.68 -19.59
C SER J 94 -8.62 -2.61 -20.11
N LYS J 95 -7.47 -2.01 -20.43
CA LYS J 95 -6.33 -2.76 -20.91
C LYS J 95 -5.58 -3.40 -19.75
N PRO J 96 -5.01 -4.59 -19.95
CA PRO J 96 -4.32 -5.26 -18.85
C PRO J 96 -3.07 -4.51 -18.43
N LEU J 97 -2.50 -4.98 -17.33
CA LEU J 97 -1.28 -4.43 -16.74
C LEU J 97 -0.47 -5.61 -16.24
N GLN J 98 0.54 -6.01 -16.99
CA GLN J 98 1.41 -7.11 -16.59
C GLN J 98 2.29 -6.64 -15.44
N VAL J 99 2.10 -7.20 -14.26
CA VAL J 99 2.90 -6.88 -13.08
C VAL J 99 3.96 -7.96 -12.92
N TYR J 100 5.17 -7.54 -12.61
CA TYR J 100 6.30 -8.47 -12.44
C TYR J 100 7.07 -8.06 -11.19
N TYR J 101 7.10 -8.95 -10.20
CA TYR J 101 7.71 -8.68 -8.91
C TYR J 101 8.58 -9.85 -8.52
N ARG J 102 9.87 -9.59 -8.27
CA ARG J 102 10.74 -10.63 -7.71
C ARG J 102 11.80 -9.94 -6.85
N MET J 103 11.51 -9.84 -5.56
CA MET J 103 12.42 -9.16 -4.65
C MET J 103 13.41 -10.12 -3.99
N CYS J 104 14.02 -10.98 -4.81
CA CYS J 104 15.06 -11.92 -4.38
C CYS J 104 14.71 -12.57 -3.05
N GLN J 105 13.48 -13.07 -2.94
CA GLN J 105 13.03 -13.64 -1.67
C GLN J 105 13.79 -14.92 -1.32
N ASN J 106 13.72 -15.92 -2.19
CA ASN J 106 14.44 -17.18 -1.96
C ASN J 106 15.68 -17.14 -2.85
N CYS J 107 16.74 -16.54 -2.34
CA CYS J 107 17.97 -16.35 -3.08
C CYS J 107 19.14 -16.90 -2.28
N ILE J 108 20.03 -17.60 -2.96
CA ILE J 108 21.28 -18.08 -2.39
C ILE J 108 22.42 -17.53 -3.25
N GLU J 109 23.45 -17.01 -2.60
CA GLU J 109 24.55 -16.37 -3.31
C GLU J 109 25.52 -17.44 -3.79
N LEU J 110 25.77 -17.47 -5.10
CA LEU J 110 26.60 -18.50 -5.72
C LEU J 110 28.06 -18.05 -5.84
N ASN J 111 28.63 -17.70 -4.71
CA ASN J 111 30.04 -17.31 -4.65
C ASN J 111 30.92 -18.54 -4.47
N ALA J 112 32.23 -18.31 -4.60
CA ALA J 112 33.17 -19.41 -4.43
C ALA J 112 33.14 -19.92 -2.99
N ALA J 113 32.96 -19.01 -2.03
CA ALA J 113 32.90 -19.44 -0.64
C ALA J 113 31.68 -20.31 -0.38
N THR J 114 30.53 -19.94 -0.93
CA THR J 114 29.32 -20.73 -0.72
C THR J 114 29.46 -22.13 -1.31
N ILE J 115 29.93 -22.22 -2.57
CA ILE J 115 30.08 -23.52 -3.20
C ILE J 115 31.12 -24.36 -2.47
N SER J 116 32.22 -23.71 -2.06
CA SER J 116 33.27 -24.44 -1.35
C SER J 116 32.76 -24.99 -0.02
N GLY J 117 32.02 -24.16 0.74
CA GLY J 117 31.49 -24.63 2.00
C GLY J 117 30.45 -25.72 1.82
N PHE J 118 29.60 -25.60 0.80
CA PHE J 118 28.62 -26.65 0.53
C PHE J 118 29.30 -27.97 0.21
N LEU J 119 30.28 -27.93 -0.70
CA LEU J 119 30.99 -29.16 -1.06
C LEU J 119 31.74 -29.74 0.14
N PHE J 120 32.36 -28.87 0.95
CA PHE J 120 33.10 -29.34 2.11
C PHE J 120 32.17 -30.03 3.10
N ALA J 121 31.03 -29.41 3.40
CA ALA J 121 30.08 -30.01 4.33
C ALA J 121 29.51 -31.32 3.77
N GLU J 122 29.23 -31.36 2.47
CA GLU J 122 28.69 -32.59 1.88
C GLU J 122 29.71 -33.73 1.95
N ILE J 123 30.97 -33.45 1.62
CA ILE J 123 31.99 -34.49 1.65
C ILE J 123 32.23 -34.94 3.09
N VAL J 124 32.24 -34.01 4.04
CA VAL J 124 32.46 -34.38 5.44
C VAL J 124 31.32 -35.24 5.96
N SER J 125 30.08 -34.86 5.65
CA SER J 125 28.93 -35.65 6.09
C SER J 125 28.95 -37.04 5.46
N ILE J 126 29.27 -37.13 4.17
CA ILE J 126 29.33 -38.42 3.50
C ILE J 126 30.42 -39.29 4.12
N PHE J 127 31.59 -38.72 4.39
CA PHE J 127 32.68 -39.50 4.97
C PHE J 127 32.33 -39.97 6.38
N VAL J 128 31.71 -39.12 7.19
CA VAL J 128 31.32 -39.53 8.54
C VAL J 128 30.28 -40.64 8.49
N LEU J 129 29.28 -40.50 7.63
CA LEU J 129 28.26 -41.54 7.52
C LEU J 129 28.86 -42.84 6.99
N ALA J 130 29.84 -42.74 6.08
CA ALA J 130 30.48 -43.94 5.56
C ALA J 130 31.27 -44.65 6.66
N VAL J 131 32.00 -43.89 7.48
CA VAL J 131 32.71 -44.50 8.61
C VAL J 131 31.70 -45.16 9.56
N GLY J 132 30.55 -44.53 9.75
CA GLY J 132 29.54 -45.11 10.61
C GLY J 132 29.00 -46.43 10.10
N VAL J 133 28.67 -46.48 8.80
CA VAL J 133 28.13 -47.72 8.24
C VAL J 133 29.21 -48.77 8.06
N TYR J 134 30.49 -48.37 8.07
CA TYR J 134 31.56 -49.35 7.97
C TYR J 134 31.88 -49.96 9.32
N PHE J 135 31.81 -49.18 10.39
CA PHE J 135 32.13 -49.68 11.72
C PHE J 135 31.06 -50.59 12.31
N ILE J 136 29.89 -50.69 11.68
CA ILE J 136 28.80 -51.50 12.21
C ILE J 136 28.77 -52.90 11.58
N ALA J 137 29.87 -53.31 10.92
CA ALA J 137 29.94 -54.62 10.29
C ALA J 137 30.20 -55.65 11.38
N GLY J 138 29.15 -56.36 11.78
CA GLY J 138 29.27 -57.38 12.81
C GLY J 138 28.42 -57.10 14.03
N PRO K 29 26.19 -15.12 8.48
CA PRO K 29 27.60 -15.25 8.86
C PRO K 29 28.08 -16.70 8.84
N LYS K 30 29.03 -17.01 7.95
CA LYS K 30 29.55 -18.37 7.84
C LYS K 30 30.47 -18.75 9.00
N LEU K 31 30.87 -17.78 9.81
CA LEU K 31 31.75 -18.09 10.94
C LEU K 31 31.05 -18.98 11.96
N CYS K 32 29.77 -18.70 12.22
CA CYS K 32 28.99 -19.54 13.12
C CYS K 32 28.97 -20.98 12.64
N TYR K 33 28.68 -21.16 11.35
CA TYR K 33 28.57 -22.51 10.78
C TYR K 33 29.90 -23.22 10.79
N LEU K 34 30.99 -22.53 10.44
CA LEU K 34 32.30 -23.16 10.51
C LEU K 34 32.60 -23.61 11.94
N LEU K 35 32.31 -22.76 12.92
CA LEU K 35 32.63 -23.07 14.30
C LEU K 35 31.78 -24.24 14.81
N ASP K 36 30.48 -24.24 14.51
CA ASP K 36 29.65 -25.35 14.97
C ASP K 36 30.00 -26.64 14.24
N GLY K 37 30.45 -26.56 12.99
CA GLY K 37 30.86 -27.77 12.30
C GLY K 37 32.12 -28.37 12.91
N ILE K 38 33.11 -27.52 13.20
CA ILE K 38 34.32 -28.07 13.82
C ILE K 38 34.01 -28.57 15.22
N LEU K 39 33.06 -27.93 15.92
CA LEU K 39 32.65 -28.42 17.22
C LEU K 39 31.93 -29.76 17.13
N PHE K 40 31.08 -29.95 16.12
CA PHE K 40 30.43 -31.25 15.92
C PHE K 40 31.46 -32.34 15.68
N ILE K 41 32.44 -32.07 14.81
CA ILE K 41 33.47 -33.06 14.53
C ILE K 41 34.28 -33.37 15.78
N TYR K 42 34.69 -32.33 16.51
CA TYR K 42 35.47 -32.53 17.72
C TYR K 42 34.70 -33.33 18.76
N GLY K 43 33.42 -33.02 18.95
CA GLY K 43 32.63 -33.75 19.93
C GLY K 43 32.43 -35.19 19.55
N VAL K 44 32.19 -35.47 18.26
CA VAL K 44 32.02 -36.85 17.82
C VAL K 44 33.30 -37.64 18.01
N ILE K 45 34.44 -37.05 17.60
CA ILE K 45 35.72 -37.76 17.75
C ILE K 45 36.04 -38.01 19.21
N LEU K 46 35.78 -37.02 20.07
CA LEU K 46 36.12 -37.20 21.47
C LEU K 46 35.19 -38.20 22.15
N THR K 47 33.92 -38.24 21.77
CA THR K 47 33.03 -39.25 22.35
C THR K 47 33.42 -40.64 21.90
N ALA K 48 33.84 -40.79 20.63
CA ALA K 48 34.34 -42.08 20.18
C ALA K 48 35.57 -42.50 20.96
N LEU K 49 36.51 -41.57 21.18
CA LEU K 49 37.70 -41.91 21.95
C LEU K 49 37.34 -42.26 23.39
N PHE K 50 36.36 -41.59 23.97
CA PHE K 50 35.96 -41.87 25.35
C PHE K 50 35.31 -43.25 25.45
N LEU K 51 34.45 -43.60 24.48
CA LEU K 51 33.87 -44.94 24.48
C LEU K 51 34.93 -46.01 24.24
N ARG K 52 35.99 -45.67 23.50
CA ARG K 52 37.07 -46.63 23.30
C ARG K 52 37.87 -46.84 24.58
N VAL K 53 38.18 -45.75 25.29
CA VAL K 53 38.97 -45.86 26.50
C VAL K 53 38.16 -46.57 27.60
N LYS K 54 36.88 -46.24 27.72
CA LYS K 54 36.05 -46.85 28.75
C LYS K 54 35.88 -48.36 28.52
N PHE K 55 35.64 -48.76 27.28
CA PHE K 55 35.48 -50.17 26.96
C PHE K 55 36.82 -50.81 26.59
N ASP L 28 18.30 -11.37 14.34
CA ASP L 28 18.97 -11.81 15.55
C ASP L 28 20.15 -12.71 15.21
N PRO L 29 21.29 -12.12 14.88
CA PRO L 29 22.48 -12.92 14.56
C PRO L 29 23.26 -13.43 15.76
N LYS L 30 22.74 -13.28 16.98
CA LYS L 30 23.46 -13.72 18.17
C LYS L 30 23.11 -15.13 18.61
N LEU L 31 22.10 -15.75 17.99
CA LEU L 31 21.84 -17.17 18.23
C LEU L 31 23.02 -18.04 17.80
N CYS L 32 23.80 -17.56 16.83
CA CYS L 32 25.06 -18.17 16.44
C CYS L 32 25.89 -18.54 17.66
N TYR L 33 26.25 -17.52 18.44
CA TYR L 33 27.13 -17.74 19.58
C TYR L 33 26.44 -18.54 20.67
N LEU L 34 25.12 -18.45 20.75
CA LEU L 34 24.38 -19.25 21.74
C LEU L 34 24.58 -20.73 21.48
N LEU L 35 24.28 -21.20 20.27
CA LEU L 35 24.48 -22.61 19.98
C LEU L 35 25.95 -22.99 20.02
N ASP L 36 26.84 -22.08 19.59
CA ASP L 36 28.26 -22.36 19.63
C ASP L 36 28.73 -22.57 21.07
N GLY L 37 28.25 -21.74 21.99
CA GLY L 37 28.61 -21.90 23.39
C GLY L 37 28.04 -23.17 23.99
N ILE L 38 26.83 -23.56 23.58
CA ILE L 38 26.27 -24.82 24.07
C ILE L 38 27.16 -25.98 23.64
N LEU L 39 27.52 -26.03 22.36
CA LEU L 39 28.38 -27.10 21.88
C LEU L 39 29.76 -27.04 22.52
N PHE L 40 30.28 -25.83 22.78
CA PHE L 40 31.59 -25.71 23.41
C PHE L 40 31.56 -26.21 24.84
N ILE L 41 30.49 -25.93 25.58
CA ILE L 41 30.36 -26.43 26.93
C ILE L 41 30.30 -27.97 26.92
N TYR L 42 29.51 -28.52 26.01
CA TYR L 42 29.44 -29.97 25.89
C TYR L 42 30.81 -30.57 25.57
N GLY L 43 31.52 -29.97 24.61
CA GLY L 43 32.81 -30.49 24.22
C GLY L 43 33.85 -30.39 25.32
N VAL L 44 33.86 -29.29 26.07
CA VAL L 44 34.86 -29.15 27.12
C VAL L 44 34.54 -30.06 28.30
N ILE L 45 33.26 -30.30 28.58
CA ILE L 45 32.89 -31.27 29.62
C ILE L 45 33.35 -32.66 29.23
N LEU L 46 33.07 -33.05 27.97
CA LEU L 46 33.52 -34.36 27.50
C LEU L 46 35.03 -34.47 27.51
N THR L 47 35.73 -33.39 27.15
CA THR L 47 37.20 -33.43 27.14
C THR L 47 37.75 -33.65 28.53
N ALA L 48 37.25 -32.88 29.50
CA ALA L 48 37.69 -33.05 30.87
C ALA L 48 37.40 -34.46 31.38
N LEU L 49 36.20 -34.98 31.08
CA LEU L 49 35.84 -36.31 31.55
C LEU L 49 36.77 -37.37 30.95
N PHE L 50 36.97 -37.32 29.63
CA PHE L 50 37.81 -38.32 28.98
C PHE L 50 39.25 -38.23 29.46
N LEU L 51 39.78 -37.03 29.63
CA LEU L 51 41.16 -36.89 30.07
C LEU L 51 41.34 -37.39 31.50
N ARG L 52 40.39 -37.07 32.38
CA ARG L 52 40.49 -37.54 33.76
C ARG L 52 40.30 -39.05 33.86
N VAL L 53 39.47 -39.64 33.00
CA VAL L 53 39.31 -41.09 33.02
C VAL L 53 40.56 -41.78 32.49
N LYS L 54 41.17 -41.23 31.44
CA LYS L 54 42.36 -41.85 30.88
C LYS L 54 43.56 -41.71 31.82
N PHE L 55 43.69 -40.55 32.48
CA PHE L 55 44.83 -40.34 33.36
C PHE L 55 44.69 -41.09 34.68
N SER L 56 43.46 -41.43 35.08
CA SER L 56 43.25 -42.19 36.30
C SER L 56 43.38 -43.69 35.98
N ARG L 57 43.17 -44.52 37.01
CA ARG L 57 43.23 -45.98 36.91
C ARG L 57 44.42 -46.48 36.09
#